data_3RD2
# 
_entry.id   3RD2 
# 
_audit_conform.dict_name       mmcif_pdbx.dic 
_audit_conform.dict_version    5.379 
_audit_conform.dict_location   http://mmcif.pdb.org/dictionaries/ascii/mmcif_pdbx.dic 
# 
loop_
_database_2.database_id 
_database_2.database_code 
_database_2.pdbx_database_accession 
_database_2.pdbx_DOI 
PDB   3RD2         pdb_00003rd2 10.2210/pdb3rd2/pdb 
RCSB  RCSB064781   ?            ?                   
WWPDB D_1000064781 ?            ?                   
# 
_pdbx_database_status.entry_id                        3RD2 
_pdbx_database_status.deposit_site                    RCSB 
_pdbx_database_status.process_site                    RCSB 
_pdbx_database_status.recvd_initial_deposition_date   2011-03-31 
_pdbx_database_status.status_code                     REL 
_pdbx_database_status.status_code_sf                  REL 
_pdbx_database_status.status_code_mr                  ? 
_pdbx_database_status.SG_entry                        ? 
_pdbx_database_status.status_code_cs                  ? 
_pdbx_database_status.pdb_format_compatible           Y 
_pdbx_database_status.status_code_nmr_data            ? 
_pdbx_database_status.methods_development_category    ? 
# 
loop_
_audit_author.name 
_audit_author.pdbx_ordinal 
'Perry, J.J.P.' 1 
'Arvai, A.S.'   2 
'Tainer, J.A.'  3 
# 
_citation.id                        primary 
_citation.title                     'DNA repair and global sumoylation are regulated by distinct Ubc9 noncovalent complexes.' 
_citation.journal_abbrev            Mol.Cell.Biol. 
_citation.journal_volume            31 
_citation.page_first                2299 
_citation.page_last                 2310 
_citation.year                      2011 
_citation.journal_id_ASTM           MCEBD4 
_citation.country                   US 
_citation.journal_id_ISSN           0270-7306 
_citation.journal_id_CSD            2044 
_citation.book_publisher            ? 
_citation.pdbx_database_id_PubMed   21444718 
_citation.pdbx_database_id_DOI      10.1128/MCB.05188-11 
# 
loop_
_citation_author.citation_id 
_citation_author.name 
_citation_author.ordinal 
_citation_author.identifier_ORCID 
primary 'Prudden, J.'        1  ? 
primary 'Perry, J.J.'        2  ? 
primary 'Nie, M.'            3  ? 
primary 'Vashisht, A.A.'     4  ? 
primary 'Arvai, A.S.'        5  ? 
primary 'Hitomi, C.'         6  ? 
primary 'Guenther, G.'       7  ? 
primary 'Wohlschlegel, J.A.' 8  ? 
primary 'Tainer, J.A.'       9  ? 
primary 'Boddy, M.N.'        10 ? 
# 
_cell.length_a           32.521 
_cell.length_b           32.446 
_cell.length_c           32.925 
_cell.angle_alpha        90.000 
_cell.angle_beta         96.650 
_cell.angle_gamma        90.000 
_cell.entry_id           3RD2 
_cell.pdbx_unique_axis   ? 
_cell.Z_PDB              2 
_cell.length_a_esd       ? 
_cell.length_b_esd       ? 
_cell.length_c_esd       ? 
_cell.angle_alpha_esd    ? 
_cell.angle_beta_esd     ? 
_cell.angle_gamma_esd    ? 
# 
_symmetry.space_group_name_H-M             'P 1 21 1' 
_symmetry.entry_id                         3RD2 
_symmetry.pdbx_full_space_group_name_H-M   ? 
_symmetry.Int_Tables_number                4 
_symmetry.cell_setting                     ? 
_symmetry.space_group_name_Hall            ? 
# 
loop_
_entity.id 
_entity.type 
_entity.src_method 
_entity.pdbx_description 
_entity.formula_weight 
_entity.pdbx_number_of_molecules 
_entity.pdbx_ec 
_entity.pdbx_mutation 
_entity.pdbx_fragment 
_entity.details 
1 polymer man 'NFATC2-interacting protein' 9366.596 1   ? ? 'SUMO-like domain' ? 
2 water   nat water                        18.015   108 ? ? ?                  ? 
# 
_entity_name_com.entity_id   1 
_entity_name_com.name        
;45 kDa NF-AT-interacting protein, 45 kDa NFAT-interacting protein, Nuclear factor of activated T-cells, cytoplasmic 2-interacting protein
;
# 
_entity_poly.entity_id                      1 
_entity_poly.type                           'polypeptide(L)' 
_entity_poly.nstd_linkage                   no 
_entity_poly.nstd_monomer                   no 
_entity_poly.pdbx_seq_one_letter_code       
;MHHHHHHSQQLQLRVQGKEKHQTLEVSLSRDSPLKTLMSHYEEAMGLSGRKLSFFFDGTKLSGRELPADLGMESGDLIEV
WG
;
_entity_poly.pdbx_seq_one_letter_code_can   
;MHHHHHHSQQLQLRVQGKEKHQTLEVSLSRDSPLKTLMSHYEEAMGLSGRKLSFFFDGTKLSGRELPADLGMESGDLIEV
WG
;
_entity_poly.pdbx_strand_id                 A 
_entity_poly.pdbx_target_identifier         ? 
# 
loop_
_entity_poly_seq.entity_id 
_entity_poly_seq.num 
_entity_poly_seq.mon_id 
_entity_poly_seq.hetero 
1 1  MET n 
1 2  HIS n 
1 3  HIS n 
1 4  HIS n 
1 5  HIS n 
1 6  HIS n 
1 7  HIS n 
1 8  SER n 
1 9  GLN n 
1 10 GLN n 
1 11 LEU n 
1 12 GLN n 
1 13 LEU n 
1 14 ARG n 
1 15 VAL n 
1 16 GLN n 
1 17 GLY n 
1 18 LYS n 
1 19 GLU n 
1 20 LYS n 
1 21 HIS n 
1 22 GLN n 
1 23 THR n 
1 24 LEU n 
1 25 GLU n 
1 26 VAL n 
1 27 SER n 
1 28 LEU n 
1 29 SER n 
1 30 ARG n 
1 31 ASP n 
1 32 SER n 
1 33 PRO n 
1 34 LEU n 
1 35 LYS n 
1 36 THR n 
1 37 LEU n 
1 38 MET n 
1 39 SER n 
1 40 HIS n 
1 41 TYR n 
1 42 GLU n 
1 43 GLU n 
1 44 ALA n 
1 45 MET n 
1 46 GLY n 
1 47 LEU n 
1 48 SER n 
1 49 GLY n 
1 50 ARG n 
1 51 LYS n 
1 52 LEU n 
1 53 SER n 
1 54 PHE n 
1 55 PHE n 
1 56 PHE n 
1 57 ASP n 
1 58 GLY n 
1 59 THR n 
1 60 LYS n 
1 61 LEU n 
1 62 SER n 
1 63 GLY n 
1 64 ARG n 
1 65 GLU n 
1 66 LEU n 
1 67 PRO n 
1 68 ALA n 
1 69 ASP n 
1 70 LEU n 
1 71 GLY n 
1 72 MET n 
1 73 GLU n 
1 74 SER n 
1 75 GLY n 
1 76 ASP n 
1 77 LEU n 
1 78 ILE n 
1 79 GLU n 
1 80 VAL n 
1 81 TRP n 
1 82 GLY n 
# 
_entity_src_gen.entity_id                          1 
_entity_src_gen.pdbx_src_id                        1 
_entity_src_gen.pdbx_alt_source_flag               sample 
_entity_src_gen.pdbx_seq_type                      ? 
_entity_src_gen.pdbx_beg_seq_num                   ? 
_entity_src_gen.pdbx_end_seq_num                   ? 
_entity_src_gen.gene_src_common_name               human 
_entity_src_gen.gene_src_genus                     ? 
_entity_src_gen.pdbx_gene_src_gene                 'NFATC2IP, NIP45' 
_entity_src_gen.gene_src_species                   ? 
_entity_src_gen.gene_src_strain                    ? 
_entity_src_gen.gene_src_tissue                    ? 
_entity_src_gen.gene_src_tissue_fraction           ? 
_entity_src_gen.gene_src_details                   ? 
_entity_src_gen.pdbx_gene_src_fragment             ? 
_entity_src_gen.pdbx_gene_src_scientific_name      'Homo sapiens' 
_entity_src_gen.pdbx_gene_src_ncbi_taxonomy_id     9606 
_entity_src_gen.pdbx_gene_src_variant              ? 
_entity_src_gen.pdbx_gene_src_cell_line            ? 
_entity_src_gen.pdbx_gene_src_atcc                 ? 
_entity_src_gen.pdbx_gene_src_organ                ? 
_entity_src_gen.pdbx_gene_src_organelle            ? 
_entity_src_gen.pdbx_gene_src_cell                 ? 
_entity_src_gen.pdbx_gene_src_cellular_location    ? 
_entity_src_gen.host_org_common_name               ? 
_entity_src_gen.pdbx_host_org_scientific_name      'Escherichia coli' 
_entity_src_gen.pdbx_host_org_ncbi_taxonomy_id     562 
_entity_src_gen.host_org_genus                     ? 
_entity_src_gen.pdbx_host_org_gene                 ? 
_entity_src_gen.pdbx_host_org_organ                ? 
_entity_src_gen.host_org_species                   ? 
_entity_src_gen.pdbx_host_org_tissue               ? 
_entity_src_gen.pdbx_host_org_tissue_fraction      ? 
_entity_src_gen.pdbx_host_org_strain               ? 
_entity_src_gen.pdbx_host_org_variant              ? 
_entity_src_gen.pdbx_host_org_cell_line            ? 
_entity_src_gen.pdbx_host_org_atcc                 ? 
_entity_src_gen.pdbx_host_org_culture_collection   ? 
_entity_src_gen.pdbx_host_org_cell                 ? 
_entity_src_gen.pdbx_host_org_organelle            ? 
_entity_src_gen.pdbx_host_org_cellular_location    ? 
_entity_src_gen.pdbx_host_org_vector_type          ? 
_entity_src_gen.pdbx_host_org_vector               ? 
_entity_src_gen.host_org_details                   ? 
_entity_src_gen.expression_system_id               ? 
_entity_src_gen.plasmid_name                       ? 
_entity_src_gen.plasmid_details                    ? 
_entity_src_gen.pdbx_description                   ? 
# 
_struct_ref.id                         1 
_struct_ref.db_name                    UNP 
_struct_ref.db_code                    NF2IP_HUMAN 
_struct_ref.pdbx_db_accession          Q8NCF5 
_struct_ref.entity_id                  1 
_struct_ref.pdbx_seq_one_letter_code   SQQLQLRVQGKEKHQTLEVSLSRDSPLKTLMSHYEEAMGLSGRKLSFFFDGTKLSGRELPADLGMESGDLIEVWG 
_struct_ref.pdbx_align_begin           345 
_struct_ref.pdbx_db_isoform            ? 
# 
_struct_ref_seq.align_id                      1 
_struct_ref_seq.ref_id                        1 
_struct_ref_seq.pdbx_PDB_id_code              3RD2 
_struct_ref_seq.pdbx_strand_id                A 
_struct_ref_seq.seq_align_beg                 8 
_struct_ref_seq.pdbx_seq_align_beg_ins_code   ? 
_struct_ref_seq.seq_align_end                 82 
_struct_ref_seq.pdbx_seq_align_end_ins_code   ? 
_struct_ref_seq.pdbx_db_accession             Q8NCF5 
_struct_ref_seq.db_align_beg                  345 
_struct_ref_seq.pdbx_db_align_beg_ins_code    ? 
_struct_ref_seq.db_align_end                  419 
_struct_ref_seq.pdbx_db_align_end_ins_code    ? 
_struct_ref_seq.pdbx_auth_seq_align_beg       345 
_struct_ref_seq.pdbx_auth_seq_align_end       419 
# 
loop_
_struct_ref_seq_dif.align_id 
_struct_ref_seq_dif.pdbx_pdb_id_code 
_struct_ref_seq_dif.mon_id 
_struct_ref_seq_dif.pdbx_pdb_strand_id 
_struct_ref_seq_dif.seq_num 
_struct_ref_seq_dif.pdbx_pdb_ins_code 
_struct_ref_seq_dif.pdbx_seq_db_name 
_struct_ref_seq_dif.pdbx_seq_db_accession_code 
_struct_ref_seq_dif.db_mon_id 
_struct_ref_seq_dif.pdbx_seq_db_seq_num 
_struct_ref_seq_dif.details 
_struct_ref_seq_dif.pdbx_auth_seq_num 
_struct_ref_seq_dif.pdbx_ordinal 
1 3RD2 MET A 1 ? UNP Q8NCF5 ? ? 'expression tag' 338 1 
1 3RD2 HIS A 2 ? UNP Q8NCF5 ? ? 'expression tag' 339 2 
1 3RD2 HIS A 3 ? UNP Q8NCF5 ? ? 'expression tag' 340 3 
1 3RD2 HIS A 4 ? UNP Q8NCF5 ? ? 'expression tag' 341 4 
1 3RD2 HIS A 5 ? UNP Q8NCF5 ? ? 'expression tag' 342 5 
1 3RD2 HIS A 6 ? UNP Q8NCF5 ? ? 'expression tag' 343 6 
1 3RD2 HIS A 7 ? UNP Q8NCF5 ? ? 'expression tag' 344 7 
# 
loop_
_chem_comp.id 
_chem_comp.type 
_chem_comp.mon_nstd_flag 
_chem_comp.name 
_chem_comp.pdbx_synonyms 
_chem_comp.formula 
_chem_comp.formula_weight 
ALA 'L-peptide linking' y ALANINE         ? 'C3 H7 N O2'     89.093  
ARG 'L-peptide linking' y ARGININE        ? 'C6 H15 N4 O2 1' 175.209 
ASP 'L-peptide linking' y 'ASPARTIC ACID' ? 'C4 H7 N O4'     133.103 
GLN 'L-peptide linking' y GLUTAMINE       ? 'C5 H10 N2 O3'   146.144 
GLU 'L-peptide linking' y 'GLUTAMIC ACID' ? 'C5 H9 N O4'     147.129 
GLY 'peptide linking'   y GLYCINE         ? 'C2 H5 N O2'     75.067  
HIS 'L-peptide linking' y HISTIDINE       ? 'C6 H10 N3 O2 1' 156.162 
HOH non-polymer         . WATER           ? 'H2 O'           18.015  
ILE 'L-peptide linking' y ISOLEUCINE      ? 'C6 H13 N O2'    131.173 
LEU 'L-peptide linking' y LEUCINE         ? 'C6 H13 N O2'    131.173 
LYS 'L-peptide linking' y LYSINE          ? 'C6 H15 N2 O2 1' 147.195 
MET 'L-peptide linking' y METHIONINE      ? 'C5 H11 N O2 S'  149.211 
PHE 'L-peptide linking' y PHENYLALANINE   ? 'C9 H11 N O2'    165.189 
PRO 'L-peptide linking' y PROLINE         ? 'C5 H9 N O2'     115.130 
SER 'L-peptide linking' y SERINE          ? 'C3 H7 N O3'     105.093 
THR 'L-peptide linking' y THREONINE       ? 'C4 H9 N O3'     119.119 
TRP 'L-peptide linking' y TRYPTOPHAN      ? 'C11 H12 N2 O2'  204.225 
TYR 'L-peptide linking' y TYROSINE        ? 'C9 H11 N O3'    181.189 
VAL 'L-peptide linking' y VALINE          ? 'C5 H11 N O2'    117.146 
# 
_exptl.crystals_number   1 
_exptl.entry_id          3RD2 
_exptl.method            'X-RAY DIFFRACTION' 
# 
_exptl_crystal.id                    1 
_exptl_crystal.density_Matthews      1.84 
_exptl_crystal.density_meas          ? 
_exptl_crystal.density_percent_sol   33.23 
_exptl_crystal.description           ? 
_exptl_crystal.F_000                 ? 
_exptl_crystal.preparation           ? 
# 
_exptl_crystal_grow.crystal_id      1 
_exptl_crystal_grow.method          'VAPOR DIFFUSION, SITTING DROP' 
_exptl_crystal_grow.pH              9.0 
_exptl_crystal_grow.temp            273 
_exptl_crystal_grow.temp_details    ? 
_exptl_crystal_grow.pdbx_details    
'1.7 M ammonium 118 sulfate, 100 mM Bicine pH 9.0, VAPOR DIFFUSION, SITTING DROP, temperature 273K' 
_exptl_crystal_grow.pdbx_pH_range   ? 
# 
_diffrn.id                     1 
_diffrn.ambient_temp           100 
_diffrn.ambient_temp_details   ? 
_diffrn.crystal_id             1 
# 
_diffrn_detector.diffrn_id              1 
_diffrn_detector.detector               CCD 
_diffrn_detector.type                   'ADSC QUANTUM 315' 
_diffrn_detector.pdbx_collection_date   2009-06-05 
_diffrn_detector.details                ? 
# 
_diffrn_radiation.diffrn_id                        1 
_diffrn_radiation.wavelength_id                    1 
_diffrn_radiation.pdbx_diffrn_protocol             'SINGLE WAVELENGTH' 
_diffrn_radiation.monochromator                    'Si(111)' 
_diffrn_radiation.pdbx_monochromatic_or_laue_m_l   M 
_diffrn_radiation.pdbx_scattering_type             x-ray 
# 
_diffrn_radiation_wavelength.id           1 
_diffrn_radiation_wavelength.wavelength   1.13 
_diffrn_radiation_wavelength.wt           1.0 
# 
_diffrn_source.diffrn_id                   1 
_diffrn_source.source                      SYNCHROTRON 
_diffrn_source.type                        'ALS BEAMLINE 12.3.1' 
_diffrn_source.pdbx_wavelength             ? 
_diffrn_source.pdbx_wavelength_list        1.13 
_diffrn_source.pdbx_synchrotron_site       ALS 
_diffrn_source.pdbx_synchrotron_beamline   12.3.1 
# 
_reflns.entry_id                     3RD2 
_reflns.observed_criterion_sigma_F   2.0 
_reflns.observed_criterion_sigma_I   2.0 
_reflns.d_resolution_high            1.6 
_reflns.d_resolution_low             50 
_reflns.number_all                   9145 
_reflns.number_obs                   8880 
_reflns.percent_possible_obs         97.1 
_reflns.pdbx_Rmerge_I_obs            0.113 
_reflns.pdbx_netI_over_sigmaI        40.6 
_reflns.B_iso_Wilson_estimate        ? 
_reflns.pdbx_redundancy              3.4 
_reflns.R_free_details               ? 
_reflns.limit_h_max                  ? 
_reflns.limit_h_min                  ? 
_reflns.limit_k_max                  ? 
_reflns.limit_k_min                  ? 
_reflns.limit_l_max                  ? 
_reflns.limit_l_min                  ? 
_reflns.observed_criterion_F_max     ? 
_reflns.observed_criterion_F_min     ? 
_reflns.pdbx_chi_squared             ? 
_reflns.pdbx_scaling_rejects         ? 
_reflns.pdbx_Rsym_value              ? 
_reflns.pdbx_ordinal                 1 
_reflns.pdbx_diffrn_id               1 
# 
_refine.entry_id                                 3RD2 
_refine.ls_d_res_high                            1.60 
_refine.ls_d_res_low                             32.7030 
_refine.pdbx_ls_sigma_F                          1.400 
_refine.pdbx_data_cutoff_high_absF               ? 
_refine.pdbx_data_cutoff_low_absF                ? 
_refine.ls_percent_reflns_obs                    96.9900 
_refine.ls_number_reflns_obs                     8866 
_refine.ls_number_reflns_all                     9141 
_refine.pdbx_ls_cross_valid_method               THROUGHOUT 
_refine.pdbx_R_Free_selection_details            Random 
_refine.details                                  ? 
_refine.ls_R_factor_obs                          0.1716 
_refine.ls_R_factor_R_work                       0.1696 
_refine.ls_wR_factor_R_work                      ? 
_refine.ls_R_factor_R_free                       0.2139 
_refine.ls_wR_factor_R_free                      ? 
_refine.ls_percent_reflns_R_free                 4.8600 
_refine.ls_number_reflns_R_free                  431 
_refine.ls_R_factor_R_free_error                 ? 
_refine.B_iso_mean                               18.9507 
_refine.solvent_model_param_bsol                 40.7840 
_refine.solvent_model_param_ksol                 0.3480 
_refine.pdbx_isotropic_thermal_model             ? 
_refine.aniso_B[1][1]                            -0.3223 
_refine.aniso_B[2][2]                            -0.0471 
_refine.aniso_B[3][3]                            0.3694 
_refine.aniso_B[1][2]                            0.0000 
_refine.aniso_B[1][3]                            -0.0361 
_refine.aniso_B[2][3]                            -0.0000 
_refine.correlation_coeff_Fo_to_Fc               ? 
_refine.correlation_coeff_Fo_to_Fc_free          ? 
_refine.overall_SU_R_Cruickshank_DPI             ? 
_refine.overall_SU_R_free                        ? 
_refine.pdbx_overall_ESU_R_Free                  ? 
_refine.overall_SU_ML                            0.2000 
_refine.overall_SU_B                             ? 
_refine.solvent_model_details                    'FLAT BULK SOLVENT MODEL' 
_refine.pdbx_solvent_vdw_probe_radii             1.1100 
_refine.pdbx_solvent_ion_probe_radii             ? 
_refine.pdbx_solvent_shrinkage_radii             0.9000 
_refine.ls_number_parameters                     ? 
_refine.ls_number_restraints                     ? 
_refine.pdbx_starting_model                      'PDB entry 3GOE' 
_refine.pdbx_method_to_determine_struct          'MOLECULAR REPLACEMENT' 
_refine.pdbx_stereochemistry_target_values       ML 
_refine.pdbx_stereochem_target_val_spec_case     ? 
_refine.overall_FOM_work_R_set                   ? 
_refine.B_iso_max                                50.200 
_refine.B_iso_min                                7.120 
_refine.occupancy_max                            1.000 
_refine.occupancy_min                            0.320 
_refine.pdbx_ls_sigma_I                          ? 
_refine.ls_redundancy_reflns_obs                 ? 
_refine.ls_R_factor_R_free_error_details         ? 
_refine.pdbx_data_cutoff_high_rms_absF           ? 
_refine.overall_FOM_free_R_set                   ? 
_refine.pdbx_overall_phase_error                 ? 
_refine.ls_R_factor_all                          ? 
_refine.pdbx_refine_id                           'X-RAY DIFFRACTION' 
_refine.pdbx_overall_ESU_R                       ? 
_refine.pdbx_diffrn_id                           1 
_refine.pdbx_TLS_residual_ADP_flag               ? 
_refine.pdbx_overall_SU_R_free_Cruickshank_DPI   ? 
_refine.pdbx_overall_SU_R_Blow_DPI               ? 
_refine.pdbx_overall_SU_R_free_Blow_DPI          ? 
# 
_refine_hist.pdbx_refine_id                   'X-RAY DIFFRACTION' 
_refine_hist.cycle_id                         LAST 
_refine_hist.pdbx_number_atoms_protein        652 
_refine_hist.pdbx_number_atoms_nucleic_acid   0 
_refine_hist.pdbx_number_atoms_ligand         0 
_refine_hist.number_atoms_solvent             108 
_refine_hist.number_atoms_total               760 
_refine_hist.d_res_high                       1.60 
_refine_hist.d_res_low                        32.7030 
# 
loop_
_refine_ls_restr.type 
_refine_ls_restr.number 
_refine_ls_restr.dev_ideal 
_refine_ls_restr.dev_ideal_target 
_refine_ls_restr.weight 
_refine_ls_restr.pdbx_restraint_function 
_refine_ls_restr.pdbx_refine_id 
f_bond_d           674 0.005  ? ? ? 'X-RAY DIFFRACTION' 
f_angle_d          906 1.023  ? ? ? 'X-RAY DIFFRACTION' 
f_chiral_restr     95  0.075  ? ? ? 'X-RAY DIFFRACTION' 
f_plane_restr      118 0.003  ? ? ? 'X-RAY DIFFRACTION' 
f_dihedral_angle_d 255 13.207 ? ? ? 'X-RAY DIFFRACTION' 
# 
loop_
_refine_ls_shell.d_res_high 
_refine_ls_shell.d_res_low 
_refine_ls_shell.pdbx_total_number_of_bins_used 
_refine_ls_shell.percent_reflns_obs 
_refine_ls_shell.number_reflns_R_work 
_refine_ls_shell.R_factor_all 
_refine_ls_shell.R_factor_R_work 
_refine_ls_shell.R_factor_R_free 
_refine_ls_shell.percent_reflns_R_free 
_refine_ls_shell.number_reflns_R_free 
_refine_ls_shell.R_factor_R_free_error 
_refine_ls_shell.number_reflns_all 
_refine_ls_shell.number_reflns_obs 
_refine_ls_shell.redundancy_reflns_obs 
_refine_ls_shell.pdbx_refine_id 
1.60   1.8325  3 92.0000  2630 . 0.1865 0.2598 . 151 . 2781 . . 'X-RAY DIFFRACTION' 
1.8325 2.3087  3 100.0000 2883 . 0.1587 0.2081 . 137 . 3020 . . 'X-RAY DIFFRACTION' 
2.3087 32.7101 3 99.0000  2922 . 0.1681 0.2006 . 143 . 3065 . . 'X-RAY DIFFRACTION' 
# 
_struct.entry_id                  3RD2 
_struct.title                     'NIP45 SUMO-like Domain 2' 
_struct.pdbx_model_details        ? 
_struct.pdbx_CASP_flag            ? 
_struct.pdbx_model_type_details   ? 
# 
_struct_keywords.entry_id        3RD2 
_struct_keywords.pdbx_keywords   TRANSCRIPTION 
_struct_keywords.text            'SUMO-like domain 2, protein:protein interaction, Ubc9, Transcription' 
# 
loop_
_struct_asym.id 
_struct_asym.pdbx_blank_PDB_chainid_flag 
_struct_asym.pdbx_modified 
_struct_asym.entity_id 
_struct_asym.details 
A N N 1 ? 
B N N 2 ? 
# 
_struct_biol.id        1 
_struct_biol.details   ? 
# 
loop_
_struct_conf.conf_type_id 
_struct_conf.id 
_struct_conf.pdbx_PDB_helix_id 
_struct_conf.beg_label_comp_id 
_struct_conf.beg_label_asym_id 
_struct_conf.beg_label_seq_id 
_struct_conf.pdbx_beg_PDB_ins_code 
_struct_conf.end_label_comp_id 
_struct_conf.end_label_asym_id 
_struct_conf.end_label_seq_id 
_struct_conf.pdbx_end_PDB_ins_code 
_struct_conf.beg_auth_comp_id 
_struct_conf.beg_auth_asym_id 
_struct_conf.beg_auth_seq_id 
_struct_conf.end_auth_comp_id 
_struct_conf.end_auth_asym_id 
_struct_conf.end_auth_seq_id 
_struct_conf.pdbx_PDB_helix_class 
_struct_conf.details 
_struct_conf.pdbx_PDB_helix_length 
HELX_P HELX_P1 1 PRO A 33 ? GLY A 46 ? PRO A 370 GLY A 383 1 ? 14 
HELX_P HELX_P2 2 LEU A 66 ? GLY A 71 ? LEU A 403 GLY A 408 5 ? 6  
# 
_struct_conf_type.id          HELX_P 
_struct_conf_type.criteria    ? 
_struct_conf_type.reference   ? 
# 
_struct_sheet.id               A 
_struct_sheet.type             ? 
_struct_sheet.number_strands   5 
_struct_sheet.details          ? 
# 
loop_
_struct_sheet_order.sheet_id 
_struct_sheet_order.range_id_1 
_struct_sheet_order.range_id_2 
_struct_sheet_order.offset 
_struct_sheet_order.sense 
A 1 2 ? anti-parallel 
A 2 3 ? parallel      
A 3 4 ? anti-parallel 
A 4 5 ? anti-parallel 
# 
loop_
_struct_sheet_range.sheet_id 
_struct_sheet_range.id 
_struct_sheet_range.beg_label_comp_id 
_struct_sheet_range.beg_label_asym_id 
_struct_sheet_range.beg_label_seq_id 
_struct_sheet_range.pdbx_beg_PDB_ins_code 
_struct_sheet_range.end_label_comp_id 
_struct_sheet_range.end_label_asym_id 
_struct_sheet_range.end_label_seq_id 
_struct_sheet_range.pdbx_end_PDB_ins_code 
_struct_sheet_range.beg_auth_comp_id 
_struct_sheet_range.beg_auth_asym_id 
_struct_sheet_range.beg_auth_seq_id 
_struct_sheet_range.end_auth_comp_id 
_struct_sheet_range.end_auth_asym_id 
_struct_sheet_range.end_auth_seq_id 
A 1 THR A 23 ? SER A 29 ? THR A 360 SER A 366 
A 2 GLN A 10 ? GLN A 16 ? GLN A 347 GLN A 353 
A 3 LEU A 77 ? TRP A 81 ? LEU A 414 TRP A 418 
A 4 SER A 53 ? PHE A 56 ? SER A 390 PHE A 393 
A 5 THR A 59 ? LYS A 60 ? THR A 396 LYS A 397 
# 
loop_
_pdbx_struct_sheet_hbond.sheet_id 
_pdbx_struct_sheet_hbond.range_id_1 
_pdbx_struct_sheet_hbond.range_id_2 
_pdbx_struct_sheet_hbond.range_1_label_atom_id 
_pdbx_struct_sheet_hbond.range_1_label_comp_id 
_pdbx_struct_sheet_hbond.range_1_label_asym_id 
_pdbx_struct_sheet_hbond.range_1_label_seq_id 
_pdbx_struct_sheet_hbond.range_1_PDB_ins_code 
_pdbx_struct_sheet_hbond.range_1_auth_atom_id 
_pdbx_struct_sheet_hbond.range_1_auth_comp_id 
_pdbx_struct_sheet_hbond.range_1_auth_asym_id 
_pdbx_struct_sheet_hbond.range_1_auth_seq_id 
_pdbx_struct_sheet_hbond.range_2_label_atom_id 
_pdbx_struct_sheet_hbond.range_2_label_comp_id 
_pdbx_struct_sheet_hbond.range_2_label_asym_id 
_pdbx_struct_sheet_hbond.range_2_label_seq_id 
_pdbx_struct_sheet_hbond.range_2_PDB_ins_code 
_pdbx_struct_sheet_hbond.range_2_auth_atom_id 
_pdbx_struct_sheet_hbond.range_2_auth_comp_id 
_pdbx_struct_sheet_hbond.range_2_auth_asym_id 
_pdbx_struct_sheet_hbond.range_2_auth_seq_id 
A 1 2 O VAL A 26 ? O VAL A 363 N LEU A 13 ? N LEU A 350 
A 2 3 N ARG A 14 ? N ARG A 351 O ILE A 78 ? O ILE A 415 
A 3 4 O GLU A 79 ? O GLU A 416 N PHE A 55 ? N PHE A 392 
A 4 5 N PHE A 56 ? N PHE A 393 O THR A 59 ? O THR A 396 
# 
_atom_sites.entry_id                    3RD2 
_atom_sites.fract_transf_matrix[1][1]   -0.02155363 
_atom_sites.fract_transf_matrix[1][2]   0.00104817 
_atom_sites.fract_transf_matrix[1][3]   0.02219707 
_atom_sites.fract_transf_matrix[2][1]   0.00584930 
_atom_sites.fract_transf_matrix[2][2]   0.02995775 
_atom_sites.fract_transf_matrix[2][3]   0.00426511 
_atom_sites.fract_transf_matrix[3][1]   -0.02349248 
_atom_sites.fract_transf_matrix[3][2]   0.00717940 
_atom_sites.fract_transf_matrix[3][3]   -0.01820917 
_atom_sites.fract_transf_vector[1]      0.114764 
_atom_sites.fract_transf_vector[2]      0.444690 
_atom_sites.fract_transf_vector[3]      0.254674 
# 
loop_
_atom_type.symbol 
C 
N 
O 
S 
# 
loop_
_atom_site.group_PDB 
_atom_site.id 
_atom_site.type_symbol 
_atom_site.label_atom_id 
_atom_site.label_alt_id 
_atom_site.label_comp_id 
_atom_site.label_asym_id 
_atom_site.label_entity_id 
_atom_site.label_seq_id 
_atom_site.pdbx_PDB_ins_code 
_atom_site.Cartn_x 
_atom_site.Cartn_y 
_atom_site.Cartn_z 
_atom_site.occupancy 
_atom_site.B_iso_or_equiv 
_atom_site.pdbx_formal_charge 
_atom_site.auth_seq_id 
_atom_site.auth_comp_id 
_atom_site.auth_asym_id 
_atom_site.auth_atom_id 
_atom_site.pdbx_PDB_model_num 
ATOM   1   N N   . MET A 1 1  ? 5.480   12.658  1.617   1.00 35.36 ? 338 MET A N   1 
ATOM   2   C CA  . MET A 1 1  ? 4.694   12.009  2.662   1.00 33.97 ? 338 MET A CA  1 
ATOM   3   C C   . MET A 1 1  ? 3.635   12.935  3.256   1.00 37.48 ? 338 MET A C   1 
ATOM   4   O O   . MET A 1 1  ? 2.514   12.508  3.546   1.00 34.43 ? 338 MET A O   1 
ATOM   5   C CB  . MET A 1 1  ? 5.601   11.499  3.786   1.00 26.21 ? 338 MET A CB  1 
ATOM   6   C CG  . MET A 1 1  ? 4.833   10.893  4.948   1.00 23.32 ? 338 MET A CG  1 
ATOM   7   S SD  . MET A 1 1  ? 5.907   10.483  6.336   1.00 28.39 ? 338 MET A SD  1 
ATOM   8   C CE  . MET A 1 1  ? 7.026   9.314   5.582   1.00 28.01 ? 338 MET A CE  1 
ATOM   9   N N   . HIS A 1 2  ? 3.993   14.198  3.457   1.00 29.17 ? 339 HIS A N   1 
ATOM   10  C CA  . HIS A 1 2  ? 3.077   15.123  4.121   1.00 31.11 ? 339 HIS A CA  1 
ATOM   11  C C   . HIS A 1 2  ? 3.036   16.505  3.472   1.00 18.59 ? 339 HIS A C   1 
ATOM   12  O O   . HIS A 1 2  ? 2.805   17.500  4.151   1.00 31.04 ? 339 HIS A O   1 
ATOM   13  C CB  . HIS A 1 2  ? 3.421   15.239  5.604   1.00 39.41 ? 339 HIS A CB  1 
ATOM   14  N N   . HIS A 1 3  ? 3.248   16.566  2.161   1.00 24.16 ? 340 HIS A N   1 
ATOM   15  C CA  . HIS A 1 3  ? 3.187   17.844  1.456   1.00 23.77 ? 340 HIS A CA  1 
ATOM   16  C C   . HIS A 1 3  ? 1.819   18.487  1.675   1.00 24.62 ? 340 HIS A C   1 
ATOM   17  O O   . HIS A 1 3  ? 0.812   17.790  1.799   1.00 22.02 ? 340 HIS A O   1 
ATOM   18  C CB  . HIS A 1 3  ? 3.480   17.667  -0.039  1.00 21.98 ? 340 HIS A CB  1 
ATOM   19  C CG  . HIS A 1 3  ? 3.629   18.958  -0.786  1.00 22.39 ? 340 HIS A CG  1 
ATOM   20  N ND1 . HIS A 1 3  ? 2.616   19.500  -1.551  1.00 22.32 ? 340 HIS A ND1 1 
ATOM   21  C CD2 . HIS A 1 3  ? 4.673   19.815  -0.884  1.00 24.37 ? 340 HIS A CD2 1 
ATOM   22  C CE1 . HIS A 1 3  ? 3.032   20.633  -2.089  1.00 19.08 ? 340 HIS A CE1 1 
ATOM   23  N NE2 . HIS A 1 3  ? 4.275   20.848  -1.698  1.00 25.92 ? 340 HIS A NE2 1 
ATOM   24  N N   . HIS A 1 4  ? 1.792   19.818  1.713   1.00 19.65 ? 341 HIS A N   1 
ATOM   25  C CA  . HIS A 1 4  ? 0.602   20.558  2.117   1.00 17.66 ? 341 HIS A CA  1 
ATOM   26  C C   . HIS A 1 4  ? -0.617  20.420  1.203   1.00 20.08 ? 341 HIS A C   1 
ATOM   27  O O   . HIS A 1 4  ? -1.714  20.806  1.585   1.00 22.33 ? 341 HIS A O   1 
ATOM   28  C CB  . HIS A 1 4  ? 0.932   22.047  2.328   1.00 19.69 ? 341 HIS A CB  1 
ATOM   29  C CG  . HIS A 1 4  ? 1.469   22.729  1.107   1.00 15.54 ? 341 HIS A CG  1 
ATOM   30  N ND1 . HIS A 1 4  ? 0.659   23.359  0.188   1.00 24.77 ? 341 HIS A ND1 1 
ATOM   31  C CD2 . HIS A 1 4  ? 2.737   22.874  0.654   1.00 16.33 ? 341 HIS A CD2 1 
ATOM   32  C CE1 . HIS A 1 4  ? 1.404   23.862  -0.780  1.00 19.43 ? 341 HIS A CE1 1 
ATOM   33  N NE2 . HIS A 1 4  ? 2.670   23.583  -0.521  1.00 22.09 ? 341 HIS A NE2 1 
ATOM   34  N N   . HIS A 1 5  ? -0.438  19.875  0.006   1.00 18.07 ? 342 HIS A N   1 
ATOM   35  C CA  . HIS A 1 5  ? -1.559  19.787  -0.923  1.00 19.03 ? 342 HIS A CA  1 
ATOM   36  C C   . HIS A 1 5  ? -2.492  18.622  -0.604  1.00 20.33 ? 342 HIS A C   1 
ATOM   37  O O   . HIS A 1 5  ? -3.654  18.638  -1.005  1.00 18.66 ? 342 HIS A O   1 
ATOM   38  C CB  . HIS A 1 5  ? -1.076  19.681  -2.372  1.00 23.49 ? 342 HIS A CB  1 
ATOM   39  C CG  . HIS A 1 5  ? -0.496  18.346  -2.722  1.00 20.74 ? 342 HIS A CG  1 
ATOM   40  N ND1 . HIS A 1 5  ? -1.190  17.395  -3.439  1.00 25.23 ? 342 HIS A ND1 1 
ATOM   41  C CD2 . HIS A 1 5  ? 0.718   17.807  -2.457  1.00 16.58 ? 342 HIS A CD2 1 
ATOM   42  C CE1 . HIS A 1 5  ? -0.430  16.324  -3.594  1.00 15.66 ? 342 HIS A CE1 1 
ATOM   43  N NE2 . HIS A 1 5  ? 0.733   16.550  -3.009  1.00 24.70 ? 342 HIS A NE2 1 
ATOM   44  N N   . HIS A 1 6  ? -1.990  17.625  0.124   1.00 15.83 ? 343 HIS A N   1 
ATOM   45  C CA  . HIS A 1 6  ? -2.759  16.404  0.370   1.00 15.24 ? 343 HIS A CA  1 
ATOM   46  C C   . HIS A 1 6  ? -4.047  16.627  1.152   1.00 17.90 ? 343 HIS A C   1 
ATOM   47  O O   . HIS A 1 6  ? -4.058  17.299  2.187   1.00 21.08 ? 343 HIS A O   1 
ATOM   48  C CB  . HIS A 1 6  ? -1.928  15.365  1.117   1.00 18.14 ? 343 HIS A CB  1 
ATOM   49  C CG  . HIS A 1 6  ? -0.831  14.760  0.301   1.00 17.15 ? 343 HIS A CG  1 
ATOM   50  N ND1 . HIS A 1 6  ? -1.060  13.789  -0.651  1.00 18.90 ? 343 HIS A ND1 1 
ATOM   51  C CD2 . HIS A 1 6  ? 0.506   14.970  0.313   1.00 24.30 ? 343 HIS A CD2 1 
ATOM   52  C CE1 . HIS A 1 6  ? 0.090   13.441  -1.203  1.00 21.36 ? 343 HIS A CE1 1 
ATOM   53  N NE2 . HIS A 1 6  ? 1.055   14.139  -0.634  1.00 23.36 ? 343 HIS A NE2 1 
ATOM   54  N N   . HIS A 1 7  ? -5.118  16.016  0.657   1.00 15.29 ? 344 HIS A N   1 
ATOM   55  C CA  . HIS A 1 7  ? -6.408  15.956  1.330   1.00 16.14 ? 344 HIS A CA  1 
ATOM   56  C C   . HIS A 1 7  ? -6.231  15.273  2.683   1.00 19.00 ? 344 HIS A C   1 
ATOM   57  O O   . HIS A 1 7  ? -5.649  14.192  2.765   1.00 17.27 ? 344 HIS A O   1 
ATOM   58  C CB  . HIS A 1 7  ? -7.348  15.128  0.460   1.00 14.06 ? 344 HIS A CB  1 
ATOM   59  C CG  . HIS A 1 7  ? -8.770  15.103  0.921   1.00 13.34 ? 344 HIS A CG  1 
ATOM   60  N ND1 . HIS A 1 7  ? -9.206  14.299  1.953   1.00 14.33 ? 344 HIS A ND1 1 
ATOM   61  C CD2 . HIS A 1 7  ? -9.864  15.756  0.464   1.00 12.13 ? 344 HIS A CD2 1 
ATOM   62  C CE1 . HIS A 1 7  ? -10.507 14.467  2.117   1.00 14.04 ? 344 HIS A CE1 1 
ATOM   63  N NE2 . HIS A 1 7  ? -10.931 15.341  1.220   1.00 12.10 ? 344 HIS A NE2 1 
ATOM   64  N N   . SER A 1 8  ? -6.750  15.882  3.744   1.00 19.64 ? 345 SER A N   1 
ATOM   65  C CA  . SER A 1 8  ? -6.475  15.377  5.090   1.00 21.18 ? 345 SER A CA  1 
ATOM   66  C C   . SER A 1 8  ? -7.096  14.010  5.433   1.00 22.81 ? 345 SER A C   1 
ATOM   67  O O   . SER A 1 8  ? -6.758  13.421  6.466   1.00 37.48 ? 345 SER A O   1 
ATOM   68  C CB  . SER A 1 8  ? -6.838  16.428  6.144   1.00 25.76 ? 345 SER A CB  1 
ATOM   69  O OG  . SER A 1 8  ? -8.224  16.703  6.125   1.00 29.64 ? 345 SER A OG  1 
ATOM   70  N N   . GLN A 1 9  ? -7.975  13.497  4.577   1.00 24.81 ? 346 GLN A N   1 
ATOM   71  C CA  . GLN A 1 9  ? -8.640  12.215  4.829   1.00 22.69 ? 346 GLN A CA  1 
ATOM   72  C C   . GLN A 1 9  ? -8.119  11.061  3.962   1.00 30.21 ? 346 GLN A C   1 
ATOM   73  O O   . GLN A 1 9  ? -8.748  9.999   3.870   1.00 27.58 ? 346 GLN A O   1 
ATOM   74  C CB  . GLN A 1 9  ? -10.157 12.341  4.670   1.00 28.81 ? 346 GLN A CB  1 
ATOM   75  C CG  . GLN A 1 9  ? -10.820 13.239  5.707   1.00 24.85 ? 346 GLN A CG  1 
ATOM   76  C CD  . GLN A 1 9  ? -10.679 12.704  7.120   1.00 18.62 ? 346 GLN A CD  1 
ATOM   77  O OE1 . GLN A 1 9  ? -10.084 13.349  7.984   1.00 24.81 ? 346 GLN A OE1 1 
ATOM   78  N NE2 . GLN A 1 9  ? -11.206 11.508  7.355   1.00 16.46 ? 346 GLN A NE2 1 
ATOM   79  N N   . GLN A 1 10 ? -6.983  11.268  3.311   1.00 16.60 ? 347 GLN A N   1 
ATOM   80  C CA  . GLN A 1 10 ? -6.333  10.171  2.619   1.00 15.99 ? 347 GLN A CA  1 
ATOM   81  C C   . GLN A 1 10 ? -5.044  9.838   3.346   1.00 14.26 ? 347 GLN A C   1 
ATOM   82  O O   . GLN A 1 10 ? -4.482  10.683  4.050   1.00 17.54 ? 347 GLN A O   1 
ATOM   83  C CB  . GLN A 1 10 ? -6.081  10.515  1.153   1.00 20.00 ? 347 GLN A CB  1 
ATOM   84  C CG  . GLN A 1 10 ? -7.356  10.501  0.324   1.00 23.72 ? 347 GLN A CG  1 
ATOM   85  C CD  . GLN A 1 10 ? -7.100  10.550  -1.165  1.00 25.68 ? 347 GLN A CD  1 
ATOM   86  O OE1 . GLN A 1 10 ? -6.022  10.951  -1.617  1.00 26.37 ? 347 GLN A OE1 1 
ATOM   87  N NE2 . GLN A 1 10 ? -8.097  10.148  -1.942  1.00 22.07 ? 347 GLN A NE2 1 
ATOM   88  N N   . LEU A 1 11 ? -4.597  8.594   3.205   1.00 12.08 ? 348 LEU A N   1 
ATOM   89  C CA  . LEU A 1 11 ? -3.350  8.163   3.829   1.00 12.01 ? 348 LEU A CA  1 
ATOM   90  C C   . LEU A 1 11 ? -2.290  8.030   2.741   1.00 14.90 ? 348 LEU A C   1 
ATOM   91  O O   . LEU A 1 11 ? -2.570  7.494   1.675   1.00 15.40 ? 348 LEU A O   1 
ATOM   92  C CB  . LEU A 1 11 ? -3.564  6.817   4.525   1.00 12.29 ? 348 LEU A CB  1 
ATOM   93  C CG  . LEU A 1 11 ? -4.770  6.717   5.463   1.00 17.35 ? 348 LEU A CG  1 
ATOM   94  C CD1 . LEU A 1 11 ? -5.006  5.280   5.867   1.00 23.95 ? 348 LEU A CD1 1 
ATOM   95  C CD2 . LEU A 1 11 ? -4.597  7.598   6.695   1.00 26.53 ? 348 LEU A CD2 1 
ATOM   96  N N   . GLN A 1 12 ? -1.094  8.561   2.988   1.00 10.92 ? 349 GLN A N   1 
ATOM   97  C CA  . GLN A 1 12 ? 0.030   8.358   2.084   1.00 13.79 ? 349 GLN A CA  1 
ATOM   98  C C   . GLN A 1 12 ? 0.770   7.147   2.579   1.00 11.85 ? 349 GLN A C   1 
ATOM   99  O O   . GLN A 1 12 ? 1.153   7.102   3.739   1.00 11.32 ? 349 GLN A O   1 
ATOM   100 C CB  . GLN A 1 12 ? 0.974   9.554   2.106   1.00 15.42 ? 349 GLN A CB  1 
ATOM   101 C CG  . GLN A 1 12 ? 0.331   10.844  1.636   1.00 21.81 ? 349 GLN A CG  1 
ATOM   102 C CD  . GLN A 1 12 ? -0.298  10.705  0.271   1.00 31.59 ? 349 GLN A CD  1 
ATOM   103 O OE1 . GLN A 1 12 ? 0.378   10.378  -0.712  1.00 35.52 ? 349 GLN A OE1 1 
ATOM   104 N NE2 . GLN A 1 12 ? -1.606  10.949  0.196   1.00 33.78 ? 349 GLN A NE2 1 
ATOM   105 N N   . LEU A 1 13 ? 0.950   6.158   1.716   1.00 12.44 ? 350 LEU A N   1 
ATOM   106 C CA  . LEU A 1 13 ? 1.648   4.946   2.111   1.00 9.42  ? 350 LEU A CA  1 
ATOM   107 C C   . LEU A 1 13 ? 2.751   4.608   1.124   1.00 13.41 ? 350 LEU A C   1 
ATOM   108 O O   . LEU A 1 13 ? 2.590   4.761   -0.093  1.00 15.00 ? 350 LEU A O   1 
ATOM   109 C CB  . LEU A 1 13 ? 0.653   3.782   2.209   1.00 10.85 ? 350 LEU A CB  1 
ATOM   110 C CG  . LEU A 1 13 ? -0.508  3.982   3.184   1.00 10.88 ? 350 LEU A CG  1 
ATOM   111 C CD1 . LEU A 1 13 ? -1.665  3.034   2.890   1.00 12.24 ? 350 LEU A CD1 1 
ATOM   112 C CD2 . LEU A 1 13 ? -0.021  3.779   4.623   1.00 12.45 ? 350 LEU A CD2 1 
ATOM   113 N N   . ARG A 1 14 ? 3.884   4.155   1.644   1.00 10.12 ? 351 ARG A N   1 
ATOM   114 C CA  . ARG A 1 14 ? 4.954   3.702   0.784   1.00 12.12 ? 351 ARG A CA  1 
ATOM   115 C C   . ARG A 1 14 ? 4.845   2.199   0.639   1.00 10.06 ? 351 ARG A C   1 
ATOM   116 O O   . ARG A 1 14 ? 4.710   1.486   1.624   1.00 11.47 ? 351 ARG A O   1 
ATOM   117 C CB  . ARG A 1 14 ? 6.309   4.073   1.368   1.00 14.96 ? 351 ARG A CB  1 
ATOM   118 C CG  . ARG A 1 14 ? 7.491   3.419   0.676   1.00 20.70 ? 351 ARG A CG  1 
ATOM   119 C CD  . ARG A 1 14 ? 7.731   4.011   -0.698  1.00 21.78 ? 351 ARG A CD  1 
ATOM   120 N NE  . ARG A 1 14 ? 7.965   5.449   -0.658  1.00 20.36 ? 351 ARG A NE  1 
ATOM   121 C CZ  . ARG A 1 14 ? 8.232   6.188   -1.729  1.00 15.12 ? 351 ARG A CZ  1 
ATOM   122 N NH1 . ARG A 1 14 ? 8.315   5.617   -2.930  1.00 18.10 ? 351 ARG A NH1 1 
ATOM   123 N NH2 . ARG A 1 14 ? 8.437   7.490   -1.603  1.00 25.91 ? 351 ARG A NH2 1 
ATOM   124 N N   . VAL A 1 15 ? 4.893   1.732   -0.601  1.00 7.44  ? 352 VAL A N   1 
ATOM   125 C CA  . VAL A 1 15 ? 4.838   0.309   -0.886  1.00 9.44  ? 352 VAL A CA  1 
ATOM   126 C C   . VAL A 1 15 ? 6.174   -0.026  -1.526  1.00 11.35 ? 352 VAL A C   1 
ATOM   127 O O   . VAL A 1 15 ? 6.522   0.530   -2.564  1.00 11.80 ? 352 VAL A O   1 
ATOM   128 C CB  . VAL A 1 15 ? 3.651   -0.002  -1.827  1.00 11.20 ? 352 VAL A CB  1 
ATOM   129 C CG1 . VAL A 1 15 ? 3.478   -1.494  -1.997  1.00 12.08 ? 352 VAL A CG1 1 
ATOM   130 C CG2 . VAL A 1 15 ? 2.377   0.629   -1.275  1.00 12.25 ? 352 VAL A CG2 1 
ATOM   131 N N   . GLN A 1 16 ? 6.938   -0.907  -0.882  1.00 9.40  ? 353 GLN A N   1 
ATOM   132 C CA  . GLN A 1 16 ? 8.319   -1.140  -1.280  1.00 9.64  ? 353 GLN A CA  1 
ATOM   133 C C   . GLN A 1 16 ? 8.572   -2.613  -1.543  1.00 7.12  ? 353 GLN A C   1 
ATOM   134 O O   . GLN A 1 16 ? 8.382   -3.436  -0.651  1.00 10.75 ? 353 GLN A O   1 
ATOM   135 C CB  . GLN A 1 16 ? 9.278   -0.649  -0.188  1.00 11.25 ? 353 GLN A CB  1 
ATOM   136 C CG  . GLN A 1 16 ? 10.753  -0.896  -0.488  1.00 12.41 ? 353 GLN A CG  1 
ATOM   137 C CD  . GLN A 1 16 ? 11.238  -0.152  -1.727  1.00 13.97 ? 353 GLN A CD  1 
ATOM   138 O OE1 . GLN A 1 16 ? 11.108  1.071   -1.822  1.00 12.77 ? 353 GLN A OE1 1 
ATOM   139 N NE2 . GLN A 1 16 ? 11.805  -0.890  -2.679  1.00 10.78 ? 353 GLN A NE2 1 
ATOM   140 N N   . GLY A 1 17 ? 9.015   -2.920  -2.762  1.00 7.76  ? 354 GLY A N   1 
ATOM   141 C CA  . GLY A 1 17 ? 9.349   -4.279  -3.147  1.00 10.02 ? 354 GLY A CA  1 
ATOM   142 C C   . GLY A 1 17 ? 10.824  -4.604  -3.016  1.00 10.02 ? 354 GLY A C   1 
ATOM   143 O O   . GLY A 1 17 ? 11.590  -3.850  -2.407  1.00 12.41 ? 354 GLY A O   1 
ATOM   144 N N   . LYS A 1 18 ? 11.226  -5.726  -3.610  1.00 9.40  ? 355 LYS A N   1 
ATOM   145 C CA  . LYS A 1 18 ? 12.586  -6.230  -3.414  1.00 12.52 ? 355 LYS A CA  1 
ATOM   146 C C   . LYS A 1 18 ? 13.708  -5.409  -4.072  1.00 15.37 ? 355 LYS A C   1 
ATOM   147 O O   . LYS A 1 18 ? 14.850  -5.475  -3.633  1.00 21.55 ? 355 LYS A O   1 
ATOM   148 C CB  . LYS A 1 18 ? 12.682  -7.717  -3.784  1.00 14.77 ? 355 LYS A CB  1 
ATOM   149 C CG  . LYS A 1 18 ? 12.401  -8.045  -5.232  1.00 16.48 ? 355 LYS A CG  1 
ATOM   150 C CD  . LYS A 1 18 ? 12.554  -9.544  -5.451  1.00 18.22 ? 355 LYS A CD  1 
ATOM   151 C CE  . LYS A 1 18 ? 12.260  -9.938  -6.880  1.00 21.05 ? 355 LYS A CE  1 
ATOM   152 N NZ  . LYS A 1 18 ? 12.641  -11.363 -7.115  1.00 23.37 ? 355 LYS A NZ  1 
ATOM   153 N N   . GLU A 1 19 ? 13.390  -4.649  -5.122  1.00 13.52 ? 356 GLU A N   1 
ATOM   154 C CA  . GLU A 1 19 ? 14.372  -3.784  -5.787  1.00 17.70 ? 356 GLU A CA  1 
ATOM   155 C C   . GLU A 1 19 ? 14.113  -2.315  -5.460  1.00 18.52 ? 356 GLU A C   1 
ATOM   156 O O   . GLU A 1 19 ? 12.972  -1.933  -5.223  1.00 13.38 ? 356 GLU A O   1 
ATOM   157 C CB  . GLU A 1 19 ? 14.299  -3.951  -7.308  1.00 17.35 ? 356 GLU A CB  1 
ATOM   158 C CG  . GLU A 1 19 ? 14.569  -5.350  -7.838  1.00 21.17 ? 356 GLU A CG  1 
ATOM   159 C CD  . GLU A 1 19 ? 16.035  -5.744  -7.769  1.00 28.91 ? 356 GLU A CD  1 
ATOM   160 O OE1 . GLU A 1 19 ? 16.893  -4.866  -7.535  1.00 32.38 ? 356 GLU A OE1 1 
ATOM   161 O OE2 . GLU A 1 19 ? 16.329  -6.948  -7.943  1.00 41.26 ? 356 GLU A OE2 1 
ATOM   162 N N   . LYS A 1 20 ? 15.156  -1.485  -5.485  1.00 15.27 ? 357 LYS A N   1 
ATOM   163 C CA  . LYS A 1 20 ? 14.994  -0.060  -5.182  1.00 15.38 ? 357 LYS A CA  1 
ATOM   164 C C   . LYS A 1 20 ? 13.961  0.596   -6.077  1.00 19.64 ? 357 LYS A C   1 
ATOM   165 O O   . LYS A 1 20 ? 13.242  1.495   -5.648  1.00 20.70 ? 357 LYS A O   1 
ATOM   166 C CB  . LYS A 1 20 ? 16.317  0.699   -5.327  1.00 20.89 ? 357 LYS A CB  1 
ATOM   167 C CG  . LYS A 1 20 ? 17.291  0.489   -4.200  1.00 27.79 ? 357 LYS A CG  1 
ATOM   168 C CD  . LYS A 1 20 ? 18.493  1.415   -4.339  1.00 26.81 ? 357 LYS A CD  1 
ATOM   169 C CE  . LYS A 1 20 ? 19.077  1.375   -5.734  1.00 31.67 ? 357 LYS A CE  1 
ATOM   170 N NZ  . LYS A 1 20 ? 20.342  2.159   -5.822  1.00 35.53 ? 357 LYS A NZ  1 
ATOM   171 N N   . HIS A 1 21 ? 13.910  0.163   -7.335  1.00 12.28 ? 358 HIS A N   1 
ATOM   172 C CA  . HIS A 1 21 ? 13.010  0.770   -8.307  1.00 13.51 ? 358 HIS A CA  1 
ATOM   173 C C   . HIS A 1 21 ? 11.594  0.207   -8.240  1.00 13.05 ? 358 HIS A C   1 
ATOM   174 O O   . HIS A 1 21 ? 10.695  0.686   -8.941  1.00 16.22 ? 358 HIS A O   1 
ATOM   175 C CB  . HIS A 1 21 ? 13.569  0.603   -9.725  1.00 11.53 ? 358 HIS A CB  1 
ATOM   176 C CG  . HIS A 1 21 ? 14.143  -0.757  -9.989  1.00 13.51 ? 358 HIS A CG  1 
ATOM   177 N ND1 . HIS A 1 21 ? 13.449  -1.748  -10.648 1.00 15.90 ? 358 HIS A ND1 1 
ATOM   178 C CD2 . HIS A 1 21 ? 15.349  -1.285  -9.677  1.00 10.58 ? 358 HIS A CD2 1 
ATOM   179 C CE1 . HIS A 1 21 ? 14.203  -2.830  -10.731 1.00 14.50 ? 358 HIS A CE1 1 
ATOM   180 N NE2 . HIS A 1 21 ? 15.363  -2.574  -10.156 1.00 17.56 ? 358 HIS A NE2 1 
ATOM   181 N N   . GLN A 1 22 ? 11.399  -0.833  -7.433  1.00 11.40 ? 359 GLN A N   1 
ATOM   182 C CA  . GLN A 1 22 ? 10.060  -1.367  -7.214  1.00 11.27 ? 359 GLN A CA  1 
ATOM   183 C C   . GLN A 1 22 ? 9.503   -0.681  -5.995  1.00 10.56 ? 359 GLN A C   1 
ATOM   184 O O   . GLN A 1 22 ? 9.572   -1.195  -4.880  1.00 13.33 ? 359 GLN A O   1 
ATOM   185 C CB  . GLN A 1 22 ? 10.077  -2.889  -7.050  1.00 11.02 ? 359 GLN A CB  1 
ATOM   186 C CG  . GLN A 1 22 ? 10.397  -3.594  -8.356  1.00 13.20 ? 359 GLN A CG  1 
ATOM   187 C CD  . GLN A 1 22 ? 10.747  -5.053  -8.180  1.00 21.40 ? 359 GLN A CD  1 
ATOM   188 O OE1 . GLN A 1 22 ? 10.911  -5.538  -7.057  1.00 19.75 ? 359 GLN A OE1 1 
ATOM   189 N NE2 . GLN A 1 22 ? 10.880  -5.763  -9.294  1.00 22.03 ? 359 GLN A NE2 1 
ATOM   190 N N   . THR A 1 23 ? 8.995   0.524   -6.214  1.00 11.64 ? 360 THR A N   1 
ATOM   191 C CA  . THR A 1 23 ? 8.485   1.333   -5.119  1.00 12.81 ? 360 THR A CA  1 
ATOM   192 C C   . THR A 1 23 ? 7.394   2.266   -5.617  1.00 15.22 ? 360 THR A C   1 
ATOM   193 O O   . THR A 1 23 ? 7.359   2.630   -6.790  1.00 17.48 ? 360 THR A O   1 
ATOM   194 C CB  . THR A 1 23 ? 9.609   2.150   -4.454  1.00 15.96 ? 360 THR A CB  1 
ATOM   195 O OG1 . THR A 1 23 ? 9.135   2.700   -3.223  1.00 14.06 ? 360 THR A OG1 1 
ATOM   196 C CG2 . THR A 1 23 ? 10.085  3.281   -5.372  1.00 16.62 ? 360 THR A CG2 1 
ATOM   197 N N   . LEU A 1 24 ? 6.495   2.648   -4.720  1.00 10.12 ? 361 LEU A N   1 
ATOM   198 C CA  . LEU A 1 24 ? 5.412   3.536   -5.091  1.00 12.54 ? 361 LEU A CA  1 
ATOM   199 C C   . LEU A 1 24 ? 4.867   4.187   -3.842  1.00 12.06 ? 361 LEU A C   1 
ATOM   200 O O   . LEU A 1 24 ? 4.671   3.521   -2.823  1.00 16.34 ? 361 LEU A O   1 
ATOM   201 C CB  . LEU A 1 24 ? 4.309   2.730   -5.778  1.00 17.13 ? 361 LEU A CB  1 
ATOM   202 C CG  . LEU A 1 24 ? 3.193   3.488   -6.493  1.00 19.33 ? 361 LEU A CG  1 
ATOM   203 C CD1 . LEU A 1 24 ? 3.761   4.332   -7.631  1.00 20.83 ? 361 LEU A CD1 1 
ATOM   204 C CD2 . LEU A 1 24 ? 2.187   2.486   -7.020  1.00 19.72 ? 361 LEU A CD2 1 
ATOM   205 N N   . GLU A 1 25 ? 4.650   5.492   -3.900  1.00 11.19 ? 362 GLU A N   1 
ATOM   206 C CA  . GLU A 1 25 ? 3.894   6.161   -2.858  1.00 12.49 ? 362 GLU A CA  1 
ATOM   207 C C   . GLU A 1 25 ? 2.430   6.202   -3.294  1.00 18.39 ? 362 GLU A C   1 
ATOM   208 O O   . GLU A 1 25 ? 2.096   6.785   -4.333  1.00 21.13 ? 362 GLU A O   1 
ATOM   209 C CB  . GLU A 1 25 ? 4.437   7.568   -2.599  1.00 18.29 ? 362 GLU A CB  1 
ATOM   210 C CG  . GLU A 1 25 ? 3.791   8.234   -1.397  1.00 20.01 ? 362 GLU A CG  1 
ATOM   211 C CD  . GLU A 1 25 ? 4.367   9.605   -1.091  1.00 23.98 ? 362 GLU A CD  1 
ATOM   212 O OE1 . GLU A 1 25 ? 5.532   9.870   -1.468  1.00 23.65 ? 362 GLU A OE1 1 
ATOM   213 O OE2 . GLU A 1 25 ? 3.643   10.411  -0.463  1.00 29.37 ? 362 GLU A OE2 1 
ATOM   214 N N   . VAL A 1 26 ? 1.569   5.546   -2.522  1.00 13.05 ? 363 VAL A N   1 
ATOM   215 C CA  . VAL A 1 26 ? 0.149   5.414   -2.857  1.00 11.10 ? 363 VAL A CA  1 
ATOM   216 C C   . VAL A 1 26 ? -0.710  6.265   -1.932  1.00 19.01 ? 363 VAL A C   1 
ATOM   217 O O   . VAL A 1 26 ? -0.497  6.297   -0.721  1.00 15.44 ? 363 VAL A O   1 
ATOM   218 C CB  . VAL A 1 26 ? -0.317  3.944   -2.719  1.00 13.35 ? 363 VAL A CB  1 
ATOM   219 C CG1 . VAL A 1 26 ? -1.818  3.835   -2.917  1.00 17.90 ? 363 VAL A CG1 1 
ATOM   220 C CG2 . VAL A 1 26 ? 0.434   3.048   -3.701  1.00 17.04 ? 363 VAL A CG2 1 
ATOM   221 N N   . SER A 1 27 ? -1.695  6.954   -2.498  1.00 15.46 ? 364 SER A N   1 
ATOM   222 C CA  . SER A 1 27 ? -2.641  7.707   -1.687  1.00 15.39 ? 364 SER A CA  1 
ATOM   223 C C   . SER A 1 27 ? -3.918  6.899   -1.576  1.00 18.49 ? 364 SER A C   1 
ATOM   224 O O   . SER A 1 27 ? -4.553  6.594   -2.580  1.00 20.29 ? 364 SER A O   1 
ATOM   225 C CB  . SER A 1 27 ? -2.935  9.070   -2.310  1.00 20.96 ? 364 SER A CB  1 
ATOM   226 O OG  . SER A 1 27 ? -1.766  9.865   -2.331  1.00 32.65 ? 364 SER A OG  1 
ATOM   227 N N   . LEU A 1 28 ? -4.278  6.539   -0.353  1.00 11.36 ? 365 LEU A N   1 
ATOM   228 C CA  . LEU A 1 28 ? -5.376  5.613   -0.136  1.00 14.15 ? 365 LEU A CA  1 
ATOM   229 C C   . LEU A 1 28 ? -6.458  6.219   0.746   1.00 15.19 ? 365 LEU A C   1 
ATOM   230 O O   . LEU A 1 28 ? -6.180  6.724   1.834   1.00 13.14 ? 365 LEU A O   1 
ATOM   231 C CB  . LEU A 1 28 ? -4.855  4.318   0.500   1.00 13.15 ? 365 LEU A CB  1 
ATOM   232 C CG  . LEU A 1 28 ? -5.884  3.207   0.721   1.00 13.51 ? 365 LEU A CG  1 
ATOM   233 C CD1 . LEU A 1 28 ? -6.339  2.609   -0.605  1.00 13.64 ? 365 LEU A CD1 1 
ATOM   234 C CD2 . LEU A 1 28 ? -5.301  2.120   1.592   1.00 14.36 ? 365 LEU A CD2 1 
ATOM   235 N N   . SER A 1 29 ? -7.699  6.185   0.281   1.00 15.44 ? 366 SER A N   1 
ATOM   236 C CA  A SER A 1 29 ? -8.818  6.626   1.102   0.66 15.55 ? 366 SER A CA  1 
ATOM   237 C CA  B SER A 1 29 ? -8.804  6.644   1.109   0.34 15.60 ? 366 SER A CA  1 
ATOM   238 C C   . SER A 1 29 ? -8.932  5.774   2.359   1.00 14.75 ? 366 SER A C   1 
ATOM   239 O O   . SER A 1 29 ? -8.717  4.568   2.313   1.00 14.60 ? 366 SER A O   1 
ATOM   240 C CB  A SER A 1 29 ? -10.124 6.541   0.310   0.66 20.61 ? 366 SER A CB  1 
ATOM   241 C CB  B SER A 1 29 ? -10.112 6.646   0.314   0.34 20.54 ? 366 SER A CB  1 
ATOM   242 O OG  A SER A 1 29 ? -11.238 6.648   1.178   0.66 18.52 ? 366 SER A OG  1 
ATOM   243 O OG  B SER A 1 29 ? -10.056 7.585   -0.745  0.34 18.77 ? 366 SER A OG  1 
ATOM   244 N N   . ARG A 1 30 ? -9.276  6.402   3.481   1.00 16.99 ? 367 ARG A N   1 
ATOM   245 C CA  . ARG A 1 30 ? -9.458  5.681   4.740   1.00 13.48 ? 367 ARG A CA  1 
ATOM   246 C C   . ARG A 1 30 ? -10.495 4.575   4.608   1.00 17.89 ? 367 ARG A C   1 
ATOM   247 O O   . ARG A 1 30 ? -10.483 3.607   5.365   1.00 18.17 ? 367 ARG A O   1 
ATOM   248 C CB  . ARG A 1 30 ? -9.910  6.635   5.851   1.00 20.53 ? 367 ARG A CB  1 
ATOM   249 C CG  . ARG A 1 30 ? -8.905  7.679   6.221   1.00 27.85 ? 367 ARG A CG  1 
ATOM   250 C CD  . ARG A 1 30 ? -9.423  8.523   7.366   1.00 21.20 ? 367 ARG A CD  1 
ATOM   251 N NE  . ARG A 1 30 ? -8.504  9.606   7.661   1.00 27.87 ? 367 ARG A NE  1 
ATOM   252 C CZ  . ARG A 1 30 ? -7.597  9.571   8.628   1.00 32.47 ? 367 ARG A CZ  1 
ATOM   253 N NH1 . ARG A 1 30 ? -7.496  8.501   9.403   1.00 34.20 ? 367 ARG A NH1 1 
ATOM   254 N NH2 . ARG A 1 30 ? -6.801  10.613  8.821   1.00 30.13 ? 367 ARG A NH2 1 
ATOM   255 N N   . ASP A 1 31 ? -11.408 4.727   3.657   1.00 16.62 ? 368 ASP A N   1 
ATOM   256 C CA  . ASP A 1 31 ? -12.479 3.758   3.511   1.00 19.40 ? 368 ASP A CA  1 
ATOM   257 C C   . ASP A 1 31 ? -12.298 2.838   2.316   1.00 27.07 ? 368 ASP A C   1 
ATOM   258 O O   . ASP A 1 31 ? -13.242 2.194   1.864   1.00 30.62 ? 368 ASP A O   1 
ATOM   259 C CB  . ASP A 1 31 ? -13.823 4.471   3.489   1.00 23.36 ? 368 ASP A CB  1 
ATOM   260 C CG  . ASP A 1 31 ? -14.178 5.018   4.840   1.00 31.63 ? 368 ASP A CG  1 
ATOM   261 O OD1 . ASP A 1 31 ? -14.697 4.237   5.663   1.00 31.92 ? 368 ASP A OD1 1 
ATOM   262 O OD2 . ASP A 1 31 ? -13.898 6.211   5.097   1.00 39.65 ? 368 ASP A OD2 1 
ATOM   263 N N   . SER A 1 32 ? -11.067 2.768   1.826   1.00 19.77 ? 369 SER A N   1 
ATOM   264 C CA  . SER A 1 32 ? -10.712 1.816   0.787   1.00 16.92 ? 369 SER A CA  1 
ATOM   265 C C   . SER A 1 32 ? -10.018 0.624   1.427   1.00 15.49 ? 369 SER A C   1 
ATOM   266 O O   . SER A 1 32 ? -9.120  0.795   2.260   1.00 14.84 ? 369 SER A O   1 
ATOM   267 C CB  . SER A 1 32 ? -9.769  2.451   -0.239  1.00 18.48 ? 369 SER A CB  1 
ATOM   268 O OG  . SER A 1 32 ? -10.436 3.405   -1.050  1.00 29.01 ? 369 SER A OG  1 
ATOM   269 N N   . PRO A 1 33 ? -10.426 -0.589  1.039   1.00 14.70 ? 370 PRO A N   1 
ATOM   270 C CA  . PRO A 1 33 ? -9.749  -1.776  1.555   1.00 11.76 ? 370 PRO A CA  1 
ATOM   271 C C   . PRO A 1 33 ? -8.364  -1.859  0.928   1.00 14.11 ? 370 PRO A C   1 
ATOM   272 O O   . PRO A 1 33 ? -8.137  -1.340  -0.170  1.00 13.66 ? 370 PRO A O   1 
ATOM   273 C CB  . PRO A 1 33 ? -10.634 -2.926  1.070   1.00 18.68 ? 370 PRO A CB  1 
ATOM   274 C CG  . PRO A 1 33 ? -11.306 -2.396  -0.149  1.00 20.34 ? 370 PRO A CG  1 
ATOM   275 C CD  . PRO A 1 33 ? -11.505 -0.923  0.091   1.00 15.31 ? 370 PRO A CD  1 
ATOM   276 N N   . LEU A 1 34 ? -7.448  -2.506  1.626   1.00 11.47 ? 371 LEU A N   1 
ATOM   277 C CA  . LEU A 1 34 ? -6.066  -2.552  1.178   1.00 9.61  ? 371 LEU A CA  1 
ATOM   278 C C   . LEU A 1 34 ? -5.884  -3.206  -0.190  1.00 12.64 ? 371 LEU A C   1 
ATOM   279 O O   . LEU A 1 34 ? -4.896  -2.950  -0.864  1.00 12.77 ? 371 LEU A O   1 
ATOM   280 C CB  . LEU A 1 34 ? -5.185  -3.218  2.233   1.00 12.10 ? 371 LEU A CB  1 
ATOM   281 C CG  . LEU A 1 34 ? -4.480  -2.276  3.214   1.00 14.57 ? 371 LEU A CG  1 
ATOM   282 C CD1 . LEU A 1 34 ? -3.455  -1.411  2.477   1.00 14.24 ? 371 LEU A CD1 1 
ATOM   283 C CD2 . LEU A 1 34 ? -5.453  -1.413  3.979   1.00 15.09 ? 371 LEU A CD2 1 
ATOM   284 N N   . LYS A 1 35 ? -6.833  -4.045  -0.601  1.00 9.80  ? 372 LYS A N   1 
ATOM   285 C CA  . LYS A 1 35 ? -6.721  -4.685  -1.902  1.00 13.55 ? 372 LYS A CA  1 
ATOM   286 C C   . LYS A 1 35 ? -6.609  -3.637  -3.004  1.00 12.98 ? 372 LYS A C   1 
ATOM   287 O O   . LYS A 1 35 ? -6.035  -3.906  -4.058  1.00 14.62 ? 372 LYS A O   1 
ATOM   288 C CB  . LYS A 1 35 ? -7.909  -5.617  -2.167  1.00 14.11 ? 372 LYS A CB  1 
ATOM   289 C CG  . LYS A 1 35 ? -9.250  -4.905  -2.219  1.00 15.88 ? 372 LYS A CG  1 
ATOM   290 C CD  . LYS A 1 35 ? -10.385 -5.872  -2.507  1.00 26.57 ? 372 LYS A CD  1 
ATOM   291 C CE  . LYS A 1 35 ? -10.768 -6.651  -1.268  1.00 28.65 ? 372 LYS A CE  1 
ATOM   292 N NZ  . LYS A 1 35 ? -11.844 -7.647  -1.556  1.00 49.75 ? 372 LYS A NZ  1 
ATOM   293 N N   . THR A 1 36 ? -7.154  -2.448  -2.772  1.00 11.48 ? 373 THR A N   1 
ATOM   294 C CA  . THR A 1 36 ? -7.122  -1.416  -3.807  1.00 12.05 ? 373 THR A CA  1 
ATOM   295 C C   . THR A 1 36 ? -5.693  -0.914  -4.000  1.00 12.85 ? 373 THR A C   1 
ATOM   296 O O   . THR A 1 36 ? -5.257  -0.659  -5.123  1.00 12.62 ? 373 THR A O   1 
ATOM   297 C CB  . THR A 1 36 ? -8.063  -0.251  -3.488  1.00 20.35 ? 373 THR A CB  1 
ATOM   298 O OG1 . THR A 1 36 ? -7.661  0.369   -2.267  1.00 25.56 ? 373 THR A OG1 1 
ATOM   299 C CG2 . THR A 1 36 ? -9.473  -0.753  -3.329  1.00 13.94 ? 373 THR A CG2 1 
ATOM   300 N N   . LEU A 1 37 ? -4.976  -0.778  -2.890  1.00 10.88 ? 374 LEU A N   1 
ATOM   301 C CA  . LEU A 1 37 ? -3.567  -0.394  -2.907  1.00 9.77  ? 374 LEU A CA  1 
ATOM   302 C C   . LEU A 1 37 ? -2.691  -1.502  -3.495  1.00 10.58 ? 374 LEU A C   1 
ATOM   303 O O   . LEU A 1 37 ? -1.752  -1.230  -4.235  1.00 9.57  ? 374 LEU A O   1 
ATOM   304 C CB  . LEU A 1 37 ? -3.092  -0.048  -1.484  1.00 10.18 ? 374 LEU A CB  1 
ATOM   305 C CG  . LEU A 1 37 ? -1.588  0.151   -1.251  1.00 10.38 ? 374 LEU A CG  1 
ATOM   306 C CD1 . LEU A 1 37 ? -1.339  1.167   -0.138  1.00 13.27 ? 374 LEU A CD1 1 
ATOM   307 C CD2 . LEU A 1 37 ? -0.916  -1.166  -0.926  1.00 12.51 ? 374 LEU A CD2 1 
ATOM   308 N N   . MET A 1 38 ? -2.998  -2.750  -3.145  1.00 9.68  ? 375 MET A N   1 
ATOM   309 C CA  . MET A 1 38 ? -2.189  -3.876  -3.577  1.00 10.12 ? 375 MET A CA  1 
ATOM   310 C C   . MET A 1 38 ? -2.319  -4.025  -5.096  1.00 9.92  ? 375 MET A C   1 
ATOM   311 O O   . MET A 1 38 ? -1.330  -4.193  -5.804  1.00 12.04 ? 375 MET A O   1 
ATOM   312 C CB  . MET A 1 38 ? -2.597  -5.137  -2.809  1.00 12.78 ? 375 MET A CB  1 
ATOM   313 C CG  . MET A 1 38 ? -2.376  -4.990  -1.296  1.00 11.16 ? 375 MET A CG  1 
ATOM   314 S SD  . MET A 1 38 ? -3.453  -5.989  -0.231  1.00 13.34 ? 375 MET A SD  1 
ATOM   315 C CE  . MET A 1 38 ? -2.776  -7.615  -0.509  1.00 12.94 ? 375 MET A CE  1 
ATOM   316 N N   . SER A 1 39 ? -3.544  -3.933  -5.597  1.00 11.60 ? 376 SER A N   1 
ATOM   317 C CA  . SER A 1 39 ? -3.755  -3.992  -7.043  1.00 11.83 ? 376 SER A CA  1 
ATOM   318 C C   . SER A 1 39 ? -3.109  -2.799  -7.747  1.00 10.66 ? 376 SER A C   1 
ATOM   319 O O   . SER A 1 39 ? -2.504  -2.941  -8.815  1.00 13.09 ? 376 SER A O   1 
ATOM   320 C CB  . SER A 1 39 ? -5.245  -4.048  -7.357  1.00 15.44 ? 376 SER A CB  1 
ATOM   321 O OG  . SER A 1 39 ? -5.783  -5.294  -6.962  1.00 23.37 ? 376 SER A OG  1 
ATOM   322 N N   . HIS A 1 40 ? -3.248  -1.623  -7.154  1.00 11.81 ? 377 HIS A N   1 
ATOM   323 C CA  . HIS A 1 40 ? -2.648  -0.412  -7.702  1.00 11.38 ? 377 HIS A CA  1 
ATOM   324 C C   . HIS A 1 40 ? -1.146  -0.604  -7.901  1.00 13.26 ? 377 HIS A C   1 
ATOM   325 O O   . HIS A 1 40 ? -0.597  -0.306  -8.959  1.00 12.01 ? 377 HIS A O   1 
ATOM   326 C CB  . HIS A 1 40 ? -2.914  0.765   -6.777  1.00 13.72 ? 377 HIS A CB  1 
ATOM   327 C CG  . HIS A 1 40 ? -2.566  2.089   -7.374  1.00 18.66 ? 377 HIS A CG  1 
ATOM   328 N ND1 . HIS A 1 40 ? -3.506  2.915   -7.952  1.00 31.21 ? 377 HIS A ND1 1 
ATOM   329 C CD2 . HIS A 1 40 ? -1.379  2.730   -7.486  1.00 25.32 ? 377 HIS A CD2 1 
ATOM   330 C CE1 . HIS A 1 40 ? -2.912  4.011   -8.390  1.00 24.43 ? 377 HIS A CE1 1 
ATOM   331 N NE2 . HIS A 1 40 ? -1.622  3.923   -8.121  1.00 24.18 ? 377 HIS A NE2 1 
ATOM   332 N N   . TYR A 1 41 ? -0.484  -1.132  -6.878  1.00 10.70 ? 378 TYR A N   1 
ATOM   333 C CA  . TYR A 1 41 ? 0.947   -1.370  -6.963  1.00 12.43 ? 378 TYR A CA  1 
ATOM   334 C C   . TYR A 1 41 ? 1.290   -2.344  -8.080  1.00 10.06 ? 378 TYR A C   1 
ATOM   335 O O   . TYR A 1 41 ? 2.204   -2.099  -8.866  1.00 11.67 ? 378 TYR A O   1 
ATOM   336 C CB  . TYR A 1 41 ? 1.463   -1.908  -5.633  1.00 10.16 ? 378 TYR A CB  1 
ATOM   337 C CG  . TYR A 1 41 ? 2.927   -2.282  -5.647  1.00 9.32  ? 378 TYR A CG  1 
ATOM   338 C CD1 . TYR A 1 41 ? 3.915   -1.340  -5.368  1.00 11.55 ? 378 TYR A CD1 1 
ATOM   339 C CD2 . TYR A 1 41 ? 3.322   -3.586  -5.915  1.00 11.65 ? 378 TYR A CD2 1 
ATOM   340 C CE1 . TYR A 1 41 ? 5.268   -1.697  -5.373  1.00 9.04  ? 378 TYR A CE1 1 
ATOM   341 C CE2 . TYR A 1 41 ? 4.658   -3.943  -5.927  1.00 10.53 ? 378 TYR A CE2 1 
ATOM   342 C CZ  . TYR A 1 41 ? 5.619   -3.003  -5.648  1.00 11.25 ? 378 TYR A CZ  1 
ATOM   343 O OH  . TYR A 1 41 ? 6.940   -3.401  -5.665  1.00 12.22 ? 378 TYR A OH  1 
ATOM   344 N N   . GLU A 1 42 ? 0.555   -3.453  -8.146  1.00 9.76  ? 379 GLU A N   1 
ATOM   345 C CA  . GLU A 1 42 ? 0.810   -4.463  -9.168  1.00 9.75  ? 379 GLU A CA  1 
ATOM   346 C C   . GLU A 1 42 ? 0.630   -3.872  -10.554 1.00 12.47 ? 379 GLU A C   1 
ATOM   347 O O   . GLU A 1 42 ? 1.436   -4.112  -11.462 1.00 12.29 ? 379 GLU A O   1 
ATOM   348 C CB  . GLU A 1 42 ? -0.127  -5.657  -8.976  1.00 12.01 ? 379 GLU A CB  1 
ATOM   349 C CG  . GLU A 1 42 ? 0.265   -6.507  -7.782  1.00 13.79 ? 379 GLU A CG  1 
ATOM   350 C CD  . GLU A 1 42 ? -0.667  -7.664  -7.540  1.00 23.36 ? 379 GLU A CD  1 
ATOM   351 O OE1 . GLU A 1 42 ? -1.677  -7.777  -8.265  1.00 27.26 ? 379 GLU A OE1 1 
ATOM   352 O OE2 . GLU A 1 42 ? -0.385  -8.459  -6.619  1.00 24.07 ? 379 GLU A OE2 1 
ATOM   353 N N   . GLU A 1 43 ? -0.431  -3.087  -10.702 1.00 10.92 ? 380 GLU A N   1 
ATOM   354 C CA  . GLU A 1 43 ? -0.750  -2.439  -11.971 1.00 11.89 ? 380 GLU A CA  1 
ATOM   355 C C   . GLU A 1 43 ? 0.303   -1.418  -12.417 1.00 14.97 ? 380 GLU A C   1 
ATOM   356 O O   . GLU A 1 43 ? 0.663   -1.370  -13.590 1.00 14.48 ? 380 GLU A O   1 
ATOM   357 C CB  . GLU A 1 43 ? -2.130  -1.784  -11.883 1.00 13.06 ? 380 GLU A CB  1 
ATOM   358 C CG  . GLU A 1 43 ? -3.250  -2.816  -11.908 1.00 15.03 ? 380 GLU A CG  1 
ATOM   359 C CD  . GLU A 1 43 ? -4.556  -2.324  -11.298 1.00 17.61 ? 380 GLU A CD  1 
ATOM   360 O OE1 . GLU A 1 43 ? -4.665  -1.124  -10.971 1.00 19.21 ? 380 GLU A OE1 1 
ATOM   361 O OE2 . GLU A 1 43 ? -5.480  -3.155  -11.137 1.00 23.53 ? 380 GLU A OE2 1 
ATOM   362 N N   . ALA A 1 44 ? 0.791   -0.609  -11.481 1.00 11.53 ? 381 ALA A N   1 
ATOM   363 C CA  . ALA A 1 44 ? 1.792   0.411   -11.790 1.00 11.11 ? 381 ALA A CA  1 
ATOM   364 C C   . ALA A 1 44 ? 3.169   -0.183  -12.100 1.00 13.48 ? 381 ALA A C   1 
ATOM   365 O O   . ALA A 1 44 ? 3.901   0.321   -12.969 1.00 12.64 ? 381 ALA A O   1 
ATOM   366 C CB  . ALA A 1 44 ? 1.891   1.424   -10.631 1.00 14.84 ? 381 ALA A CB  1 
ATOM   367 N N   . MET A 1 45 ? 3.516   -1.249  -11.387 1.00 12.44 ? 382 MET A N   1 
ATOM   368 C CA  . MET A 1 45 ? 4.840   -1.855  -11.495 1.00 13.84 ? 382 MET A CA  1 
ATOM   369 C C   . MET A 1 45 ? 4.910   -2.902  -12.596 1.00 11.50 ? 382 MET A C   1 
ATOM   370 O O   . MET A 1 45 ? 5.985   -3.412  -12.899 1.00 13.63 ? 382 MET A O   1 
ATOM   371 C CB  . MET A 1 45 ? 5.253   -2.511  -10.172 1.00 15.47 ? 382 MET A CB  1 
ATOM   372 C CG  . MET A 1 45 ? 5.583   -1.547  -9.049  1.00 14.71 ? 382 MET A CG  1 
ATOM   373 S SD  . MET A 1 45 ? 6.929   -0.392  -9.418  1.00 17.39 ? 382 MET A SD  1 
ATOM   374 C CE  . MET A 1 45 ? 5.965   1.082   -9.745  1.00 14.73 ? 382 MET A CE  1 
ATOM   375 N N   . GLY A 1 46 ? 3.767   -3.234  -13.187 1.00 11.87 ? 383 GLY A N   1 
ATOM   376 C CA  . GLY A 1 46 ? 3.725   -4.282  -14.191 1.00 12.35 ? 383 GLY A CA  1 
ATOM   377 C C   . GLY A 1 46 ? 3.976   -5.677  -13.631 1.00 14.82 ? 383 GLY A C   1 
ATOM   378 O O   . GLY A 1 46 ? 4.563   -6.524  -14.307 1.00 15.05 ? 383 GLY A O   1 
ATOM   379 N N   . LEU A 1 47 ? 3.528   -5.929  -12.403 1.00 11.00 ? 384 LEU A N   1 
ATOM   380 C CA  . LEU A 1 47 ? 3.827   -7.196  -11.733 1.00 11.22 ? 384 LEU A CA  1 
ATOM   381 C C   . LEU A 1 47 ? 2.587   -8.044  -11.465 1.00 16.81 ? 384 LEU A C   1 
ATOM   382 O O   . LEU A 1 47 ? 2.589   -8.905  -10.587 1.00 16.86 ? 384 LEU A O   1 
ATOM   383 C CB  . LEU A 1 47 ? 4.557   -6.930  -10.414 1.00 10.71 ? 384 LEU A CB  1 
ATOM   384 C CG  . LEU A 1 47 ? 5.895   -6.200  -10.549 1.00 17.38 ? 384 LEU A CG  1 
ATOM   385 C CD1 . LEU A 1 47 ? 6.424   -5.812  -9.171  1.00 17.09 ? 384 LEU A CD1 1 
ATOM   386 C CD2 . LEU A 1 47 ? 6.881   -7.081  -11.279 1.00 15.39 ? 384 LEU A CD2 1 
ATOM   387 N N   . SER A 1 48 ? 1.523   -7.795  -12.215 1.00 14.29 ? 385 SER A N   1 
ATOM   388 C CA  A SER A 1 48 ? 0.310   -8.586  -12.075 0.68 18.37 ? 385 SER A CA  1 
ATOM   389 C CA  B SER A 1 48 ? 0.305   -8.588  -12.102 0.32 18.41 ? 385 SER A CA  1 
ATOM   390 C C   . SER A 1 48 ? 0.599   -10.050 -12.413 1.00 20.75 ? 385 SER A C   1 
ATOM   391 O O   . SER A 1 48 ? 1.402   -10.350 -13.299 1.00 29.07 ? 385 SER A O   1 
ATOM   392 C CB  A SER A 1 48 ? -0.802  -8.028  -12.967 0.68 17.79 ? 385 SER A CB  1 
ATOM   393 C CB  B SER A 1 48 ? -0.740  -8.080  -13.089 0.32 17.88 ? 385 SER A CB  1 
ATOM   394 O OG  A SER A 1 48 ? -1.135  -6.692  -12.606 0.68 18.30 ? 385 SER A OG  1 
ATOM   395 O OG  B SER A 1 48 ? -0.355  -8.405  -14.413 0.32 19.87 ? 385 SER A OG  1 
ATOM   396 N N   . GLY A 1 49 ? -0.053  -10.955 -11.697 1.00 22.38 ? 386 GLY A N   1 
ATOM   397 C CA  . GLY A 1 49 ? 0.118   -12.381 -11.929 1.00 25.25 ? 386 GLY A CA  1 
ATOM   398 C C   . GLY A 1 49 ? 1.402   -12.977 -11.369 1.00 24.78 ? 386 GLY A C   1 
ATOM   399 O O   . GLY A 1 49 ? 1.813   -14.056 -11.786 1.00 25.54 ? 386 GLY A O   1 
ATOM   400 N N   . ARG A 1 50 ? 2.035   -12.290 -10.422 1.00 23.02 ? 387 ARG A N   1 
ATOM   401 C CA  . ARG A 1 50 ? 3.269   -12.803 -9.815  1.00 22.46 ? 387 ARG A CA  1 
ATOM   402 C C   . ARG A 1 50 ? 3.104   -13.303 -8.372  1.00 29.64 ? 387 ARG A C   1 
ATOM   403 O O   . ARG A 1 50 ? 4.077   -13.699 -7.729  1.00 24.65 ? 387 ARG A O   1 
ATOM   404 C CB  . ARG A 1 50 ? 4.395   -11.770 -9.908  1.00 21.83 ? 387 ARG A CB  1 
ATOM   405 C CG  . ARG A 1 50 ? 4.802   -11.458 -11.335 1.00 28.75 ? 387 ARG A CG  1 
ATOM   406 C CD  . ARG A 1 50 ? 6.025   -10.556 -11.405 1.00 36.52 ? 387 ARG A CD  1 
ATOM   407 N NE  . ARG A 1 50 ? 7.276   -11.283 -11.191 1.00 50.20 ? 387 ARG A NE  1 
ATOM   408 C CZ  . ARG A 1 50 ? 7.955   -11.282 -10.049 1.00 42.86 ? 387 ARG A CZ  1 
ATOM   409 N NH1 . ARG A 1 50 ? 7.507   -10.586 -9.015  1.00 31.98 ? 387 ARG A NH1 1 
ATOM   410 N NH2 . ARG A 1 50 ? 9.083   -11.973 -9.940  1.00 39.18 ? 387 ARG A NH2 1 
ATOM   411 N N   . LYS A 1 51 ? 1.874   -13.293 -7.866  1.00 25.05 ? 388 LYS A N   1 
ATOM   412 C CA  . LYS A 1 51 ? 1.604   -13.814 -6.525  1.00 23.53 ? 388 LYS A CA  1 
ATOM   413 C C   . LYS A 1 51 ? 2.329   -13.040 -5.426  1.00 27.58 ? 388 LYS A C   1 
ATOM   414 O O   . LYS A 1 51 ? 2.623   -13.594 -4.371  1.00 29.23 ? 388 LYS A O   1 
ATOM   415 C CB  . LYS A 1 51 ? 1.991   -15.294 -6.432  1.00 29.69 ? 388 LYS A CB  1 
ATOM   416 C CG  . LYS A 1 51 ? 1.278   -16.194 -7.431  1.00 38.53 ? 388 LYS A CG  1 
ATOM   417 C CD  . LYS A 1 51 ? 1.817   -17.618 -7.375  1.00 42.16 ? 388 LYS A CD  1 
ATOM   418 C CE  . LYS A 1 51 ? 1.667   -18.213 -5.984  1.00 42.68 ? 388 LYS A CE  1 
ATOM   419 N NZ  . LYS A 1 51 ? 0.245   -18.239 -5.546  1.00 40.00 ? 388 LYS A NZ  1 
ATOM   420 N N   . LEU A 1 52 ? 2.620   -11.767 -5.671  1.00 22.00 ? 389 LEU A N   1 
ATOM   421 C CA  . LEU A 1 52 ? 3.247   -10.928 -4.651  1.00 17.47 ? 389 LEU A CA  1 
ATOM   422 C C   . LEU A 1 52 ? 2.492   -11.019 -3.324  1.00 18.24 ? 389 LEU A C   1 
ATOM   423 O O   . LEU A 1 52 ? 1.264   -11.144 -3.315  1.00 18.30 ? 389 LEU A O   1 
ATOM   424 C CB  . LEU A 1 52 ? 3.280   -9.479  -5.127  1.00 20.90 ? 389 LEU A CB  1 
ATOM   425 C CG  . LEU A 1 52 ? 4.133   -9.205  -6.362  1.00 18.91 ? 389 LEU A CG  1 
ATOM   426 C CD1 . LEU A 1 52 ? 3.996   -7.747  -6.788  1.00 16.66 ? 389 LEU A CD1 1 
ATOM   427 C CD2 . LEU A 1 52 ? 5.584   -9.551  -6.079  1.00 15.72 ? 389 LEU A CD2 1 
ATOM   428 N N   . SER A 1 53 ? 3.224   -10.970 -2.210  1.00 13.21 ? 390 SER A N   1 
ATOM   429 C CA  . SER A 1 53 ? 2.625   -10.948 -0.873  1.00 14.41 ? 390 SER A CA  1 
ATOM   430 C C   . SER A 1 53 ? 2.964   -9.637  -0.177  1.00 14.12 ? 390 SER A C   1 
ATOM   431 O O   . SER A 1 53 ? 4.128   -9.244  -0.118  1.00 16.01 ? 390 SER A O   1 
ATOM   432 C CB  . SER A 1 53 ? 3.128   -12.111 -0.027  1.00 15.63 ? 390 SER A CB  1 
ATOM   433 O OG  . SER A 1 53 ? 2.733   -13.336 -0.602  1.00 22.09 ? 390 SER A OG  1 
ATOM   434 N N   . PHE A 1 54 ? 1.947   -8.952  0.331   1.00 10.41 ? 391 PHE A N   1 
ATOM   435 C CA  . PHE A 1 54 ? 2.137   -7.638  0.933   1.00 7.27  ? 391 PHE A CA  1 
ATOM   436 C C   . PHE A 1 54 ? 2.066   -7.765  2.445   1.00 10.99 ? 391 PHE A C   1 
ATOM   437 O O   . PHE A 1 54 ? 1.143   -8.394  2.975   1.00 13.63 ? 391 PHE A O   1 
ATOM   438 C CB  . PHE A 1 54 ? 1.038   -6.686  0.458   1.00 10.92 ? 391 PHE A CB  1 
ATOM   439 C CG  . PHE A 1 54 ? 1.047   -6.429  -1.026  1.00 9.84  ? 391 PHE A CG  1 
ATOM   440 C CD1 . PHE A 1 54 ? 1.498   -5.218  -1.530  1.00 10.84 ? 391 PHE A CD1 1 
ATOM   441 C CD2 . PHE A 1 54 ? 0.576   -7.386  -1.916  1.00 10.90 ? 391 PHE A CD2 1 
ATOM   442 C CE1 . PHE A 1 54 ? 1.496   -4.973  -2.895  1.00 10.88 ? 391 PHE A CE1 1 
ATOM   443 C CE2 . PHE A 1 54 ? 0.579   -7.144  -3.283  1.00 10.21 ? 391 PHE A CE2 1 
ATOM   444 C CZ  . PHE A 1 54 ? 1.033   -5.930  -3.766  1.00 11.02 ? 391 PHE A CZ  1 
ATOM   445 N N   . PHE A 1 55 ? 3.028   -7.159  3.136   1.00 10.49 ? 392 PHE A N   1 
ATOM   446 C CA  . PHE A 1 55 ? 3.116   -7.275  4.590   1.00 8.35  ? 392 PHE A CA  1 
ATOM   447 C C   . PHE A 1 55 ? 3.044   -5.921  5.279   1.00 9.46  ? 392 PHE A C   1 
ATOM   448 O O   . PHE A 1 55 ? 3.609   -4.925  4.808   1.00 12.44 ? 392 PHE A O   1 
ATOM   449 C CB  . PHE A 1 55 ? 4.413   -7.988  5.002   1.00 11.13 ? 392 PHE A CB  1 
ATOM   450 C CG  . PHE A 1 55 ? 4.329   -9.482  4.920   1.00 12.86 ? 392 PHE A CG  1 
ATOM   451 C CD1 . PHE A 1 55 ? 4.307   -10.119 3.691   1.00 16.54 ? 392 PHE A CD1 1 
ATOM   452 C CD2 . PHE A 1 55 ? 4.282   -10.253 6.074   1.00 18.37 ? 392 PHE A CD2 1 
ATOM   453 C CE1 . PHE A 1 55 ? 4.221   -11.502 3.609   1.00 17.67 ? 392 PHE A CE1 1 
ATOM   454 C CE2 . PHE A 1 55 ? 4.202   -11.635 5.999   1.00 14.90 ? 392 PHE A CE2 1 
ATOM   455 C CZ  . PHE A 1 55 ? 4.175   -12.257 4.763   1.00 15.56 ? 392 PHE A CZ  1 
ATOM   456 N N   . PHE A 1 56 ? 2.360   -5.893  6.415   1.00 10.71 ? 393 PHE A N   1 
ATOM   457 C CA  . PHE A 1 56 ? 2.350   -4.719  7.269   1.00 10.39 ? 393 PHE A CA  1 
ATOM   458 C C   . PHE A 1 56 ? 2.535   -5.186  8.700   1.00 13.16 ? 393 PHE A C   1 
ATOM   459 O O   . PHE A 1 56 ? 1.867   -6.120  9.134   1.00 16.50 ? 393 PHE A O   1 
ATOM   460 C CB  . PHE A 1 56 ? 1.028   -3.962  7.140   1.00 12.39 ? 393 PHE A CB  1 
ATOM   461 C CG  . PHE A 1 56 ? 0.875   -2.839  8.132   1.00 13.25 ? 393 PHE A CG  1 
ATOM   462 C CD1 . PHE A 1 56 ? 1.669   -1.709  8.046   1.00 12.40 ? 393 PHE A CD1 1 
ATOM   463 C CD2 . PHE A 1 56 ? -0.071  -2.910  9.143   1.00 12.95 ? 393 PHE A CD2 1 
ATOM   464 C CE1 . PHE A 1 56 ? 1.532   -0.680  8.949   1.00 13.14 ? 393 PHE A CE1 1 
ATOM   465 C CE2 . PHE A 1 56 ? -0.212  -1.877  10.055  1.00 16.10 ? 393 PHE A CE2 1 
ATOM   466 C CZ  . PHE A 1 56 ? 0.593   -0.762  9.958   1.00 16.48 ? 393 PHE A CZ  1 
ATOM   467 N N   . ASP A 1 57 ? 3.439   -4.538  9.421   1.00 16.61 ? 394 ASP A N   1 
ATOM   468 C CA  . ASP A 1 57 ? 3.672   -4.883  10.822  1.00 20.93 ? 394 ASP A CA  1 
ATOM   469 C C   . ASP A 1 57 ? 4.039   -6.351  11.010  1.00 21.17 ? 394 ASP A C   1 
ATOM   470 O O   . ASP A 1 57 ? 3.768   -6.929  12.064  1.00 25.70 ? 394 ASP A O   1 
ATOM   471 C CB  . ASP A 1 57 ? 2.441   -4.542  11.667  1.00 21.75 ? 394 ASP A CB  1 
ATOM   472 C CG  . ASP A 1 57 ? 2.456   -3.108  12.165  1.00 34.51 ? 394 ASP A CG  1 
ATOM   473 O OD1 . ASP A 1 57 ? 3.415   -2.370  11.829  1.00 33.46 ? 394 ASP A OD1 1 
ATOM   474 O OD2 . ASP A 1 57 ? 1.510   -2.721  12.896  1.00 38.25 ? 394 ASP A OD2 1 
ATOM   475 N N   . GLY A 1 58 ? 4.639   -6.949  9.984   1.00 17.63 ? 395 GLY A N   1 
ATOM   476 C CA  . GLY A 1 58 ? 5.111   -8.324  10.063  1.00 20.00 ? 395 GLY A CA  1 
ATOM   477 C C   . GLY A 1 58 ? 4.075   -9.387  9.720   1.00 19.26 ? 395 GLY A C   1 
ATOM   478 O O   . GLY A 1 58 ? 4.340   -10.580 9.858   1.00 17.95 ? 395 GLY A O   1 
ATOM   479 N N   . THR A 1 59 ? 2.896   -8.961  9.272   1.00 17.18 ? 396 THR A N   1 
ATOM   480 C CA  . THR A 1 59 ? 1.805   -9.891  8.966   1.00 17.67 ? 396 THR A CA  1 
ATOM   481 C C   . THR A 1 59 ? 1.262   -9.654  7.562   1.00 13.82 ? 396 THR A C   1 
ATOM   482 O O   . THR A 1 59 ? 1.128   -8.511  7.130   1.00 15.04 ? 396 THR A O   1 
ATOM   483 C CB  . THR A 1 59 ? 0.661   -9.749  9.991   1.00 20.74 ? 396 THR A CB  1 
ATOM   484 O OG1 . THR A 1 59 ? 1.183   -9.966  11.309  1.00 26.58 ? 396 THR A OG1 1 
ATOM   485 C CG2 . THR A 1 59 ? -0.433  -10.753 9.729   1.00 21.10 ? 396 THR A CG2 1 
ATOM   486 N N   . LYS A 1 60 ? 0.954   -10.738 6.856   1.00 14.69 ? 397 LYS A N   1 
ATOM   487 C CA  . LYS A 1 60 ? 0.456   -10.652 5.486   1.00 12.77 ? 397 LYS A CA  1 
ATOM   488 C C   . LYS A 1 60 ? -0.918  -9.992  5.411   1.00 16.61 ? 397 LYS A C   1 
ATOM   489 O O   . LYS A 1 60 ? -1.813  -10.300 6.195   1.00 16.15 ? 397 LYS A O   1 
ATOM   490 C CB  . LYS A 1 60 ? 0.399   -12.048 4.859   1.00 14.30 ? 397 LYS A CB  1 
ATOM   491 C CG  . LYS A 1 60 ? 0.086   -12.080 3.360   1.00 18.60 ? 397 LYS A CG  1 
ATOM   492 C CD  . LYS A 1 60 ? -0.051  -13.535 2.877   1.00 26.14 ? 397 LYS A CD  1 
ATOM   493 C CE  . LYS A 1 60 ? 0.361   -13.710 1.426   1.00 37.40 ? 397 LYS A CE  1 
ATOM   494 N NZ  . LYS A 1 60 ? -0.441  -12.889 0.481   1.00 24.60 ? 397 LYS A NZ  1 
ATOM   495 N N   . LEU A 1 61 ? -1.075  -9.076  4.459   1.00 10.75 ? 398 LEU A N   1 
ATOM   496 C CA  . LEU A 1 61 ? -2.361  -8.433  4.217   1.00 9.54  ? 398 LEU A CA  1 
ATOM   497 C C   . LEU A 1 61 ? -3.263  -9.342  3.379   1.00 12.57 ? 398 LEU A C   1 
ATOM   498 O O   . LEU A 1 61 ? -2.821  -9.926  2.385   1.00 12.66 ? 398 LEU A O   1 
ATOM   499 C CB  . LEU A 1 61 ? -2.137  -7.124  3.462   1.00 11.53 ? 398 LEU A CB  1 
ATOM   500 C CG  . LEU A 1 61 ? -1.388  -6.016  4.201   1.00 12.26 ? 398 LEU A CG  1 
ATOM   501 C CD1 . LEU A 1 61 ? -1.142  -4.867  3.243   1.00 14.81 ? 398 LEU A CD1 1 
ATOM   502 C CD2 . LEU A 1 61 ? -2.207  -5.538  5.395   1.00 11.09 ? 398 LEU A CD2 1 
ATOM   503 N N   . SER A 1 62 ? -4.528  -9.456  3.772   1.00 13.38 ? 399 SER A N   1 
ATOM   504 C CA  . SER A 1 62 ? -5.496  -10.196 2.978   1.00 12.99 ? 399 SER A CA  1 
ATOM   505 C C   . SER A 1 62 ? -6.054  -9.316  1.871   1.00 15.26 ? 399 SER A C   1 
ATOM   506 O O   . SER A 1 62 ? -6.486  -9.816  0.835   1.00 15.88 ? 399 SER A O   1 
ATOM   507 C CB  . SER A 1 62 ? -6.640  -10.707 3.856   1.00 16.66 ? 399 SER A CB  1 
ATOM   508 O OG  . SER A 1 62 ? -7.467  -9.637  4.282   1.00 17.88 ? 399 SER A OG  1 
ATOM   509 N N   . GLY A 1 63 ? -6.049  -8.004  2.094   1.00 12.41 ? 400 GLY A N   1 
ATOM   510 C CA  . GLY A 1 63 ? -6.604  -7.066  1.130   1.00 11.50 ? 400 GLY A CA  1 
ATOM   511 C C   . GLY A 1 63 ? -7.997  -6.645  1.558   1.00 10.35 ? 400 GLY A C   1 
ATOM   512 O O   . GLY A 1 63 ? -8.552  -5.683  1.052   1.00 14.21 ? 400 GLY A O   1 
ATOM   513 N N   . ARG A 1 64 ? -8.556  -7.364  2.521   1.00 13.57 ? 401 ARG A N   1 
ATOM   514 C CA  . ARG A 1 64 ? -9.913  -7.075  2.970   1.00 17.78 ? 401 ARG A CA  1 
ATOM   515 C C   . ARG A 1 64 ? -9.937  -5.990  4.048   1.00 15.09 ? 401 ARG A C   1 
ATOM   516 O O   . ARG A 1 64 ? -10.982 -5.406  4.346   1.00 16.24 ? 401 ARG A O   1 
ATOM   517 C CB  . ARG A 1 64 ? -10.579 -8.361  3.466   1.00 17.72 ? 401 ARG A CB  1 
ATOM   518 C CG  . ARG A 1 64 ? -10.619 -9.460  2.402   1.00 19.54 ? 401 ARG A CG  1 
ATOM   519 C CD  . ARG A 1 64 ? -11.387 -10.687 2.880   1.00 32.24 ? 401 ARG A CD  1 
ATOM   520 N NE  . ARG A 1 64 ? -10.644 -11.484 3.847   1.00 40.24 ? 401 ARG A NE  1 
ATOM   521 C CZ  . ARG A 1 64 ? -9.933  -12.563 3.533   1.00 42.93 ? 401 ARG A CZ  1 
ATOM   522 N NH1 . ARG A 1 64 ? -9.870  -12.978 2.276   1.00 39.98 ? 401 ARG A NH1 1 
ATOM   523 N NH2 . ARG A 1 64 ? -9.284  -13.227 4.481   1.00 43.23 ? 401 ARG A NH2 1 
ATOM   524 N N   . GLU A 1 65 ? -8.772  -5.705  4.616   1.00 11.81 ? 402 GLU A N   1 
ATOM   525 C CA  . GLU A 1 65 ? -8.675  -4.770  5.735   1.00 13.97 ? 402 GLU A CA  1 
ATOM   526 C C   . GLU A 1 65 ? -8.810  -3.321  5.298   1.00 11.11 ? 402 GLU A C   1 
ATOM   527 O O   . GLU A 1 65 ? -8.301  -2.944  4.248   1.00 13.49 ? 402 GLU A O   1 
ATOM   528 C CB  . GLU A 1 65 ? -7.312  -4.916  6.411   1.00 10.84 ? 402 GLU A CB  1 
ATOM   529 C CG  . GLU A 1 65 ? -6.892  -6.342  6.733   1.00 15.26 ? 402 GLU A CG  1 
ATOM   530 C CD  . GLU A 1 65 ? -6.012  -6.976  5.662   1.00 16.63 ? 402 GLU A CD  1 
ATOM   531 O OE1 . GLU A 1 65 ? -6.077  -6.568  4.478   1.00 13.15 ? 402 GLU A OE1 1 
ATOM   532 O OE2 . GLU A 1 65 ? -5.264  -7.905  6.018   1.00 16.91 ? 402 GLU A OE2 1 
ATOM   533 N N   . LEU A 1 66 ? -9.479  -2.503  6.114   1.00 11.01 ? 403 LEU A N   1 
ATOM   534 C CA  . LEU A 1 66 ? -9.308  -1.059  6.028   1.00 12.50 ? 403 LEU A CA  1 
ATOM   535 C C   . LEU A 1 66 ? -8.061  -0.717  6.838   1.00 12.05 ? 403 LEU A C   1 
ATOM   536 O O   . LEU A 1 66 ? -7.695  -1.450  7.748   1.00 12.30 ? 403 LEU A O   1 
ATOM   537 C CB  . LEU A 1 66 ? -10.511 -0.316  6.606   1.00 13.91 ? 403 LEU A CB  1 
ATOM   538 C CG  . LEU A 1 66 ? -11.842 -0.468  5.882   1.00 14.17 ? 403 LEU A CG  1 
ATOM   539 C CD1 . LEU A 1 66 ? -12.858 0.486   6.486   1.00 18.24 ? 403 LEU A CD1 1 
ATOM   540 C CD2 . LEU A 1 66 ? -11.693 -0.214  4.392   1.00 15.62 ? 403 LEU A CD2 1 
ATOM   541 N N   . PRO A 1 67 ? -7.388  0.389   6.497   1.00 12.76 ? 404 PRO A N   1 
ATOM   542 C CA  . PRO A 1 67 ? -6.201  0.751   7.274   1.00 13.29 ? 404 PRO A CA  1 
ATOM   543 C C   . PRO A 1 67 ? -6.492  0.823   8.776   1.00 12.18 ? 404 PRO A C   1 
ATOM   544 O O   . PRO A 1 67 ? -5.678  0.333   9.562   1.00 12.78 ? 404 PRO A O   1 
ATOM   545 C CB  . PRO A 1 67 ? -5.827  2.122   6.711   1.00 13.42 ? 404 PRO A CB  1 
ATOM   546 C CG  . PRO A 1 67 ? -6.296  2.060   5.274   1.00 15.94 ? 404 PRO A CG  1 
ATOM   547 C CD  . PRO A 1 67 ? -7.586  1.271   5.328   1.00 12.04 ? 404 PRO A CD  1 
ATOM   548 N N   . ALA A 1 68 ? -7.625  1.402   9.170   1.00 11.09 ? 405 ALA A N   1 
ATOM   549 C CA  . ALA A 1 68 ? -7.945  1.512   10.599  1.00 12.23 ? 405 ALA A CA  1 
ATOM   550 C C   . ALA A 1 68 ? -8.067  0.155   11.289  1.00 12.79 ? 405 ALA A C   1 
ATOM   551 O O   . ALA A 1 68 ? -7.864  0.059   12.502  1.00 14.47 ? 405 ALA A O   1 
ATOM   552 C CB  . ALA A 1 68 ? -9.203  2.326   10.806  1.00 17.46 ? 405 ALA A CB  1 
ATOM   553 N N   . ASP A 1 69 ? -8.408  -0.889  10.537  1.00 13.40 ? 406 ASP A N   1 
ATOM   554 C CA  . ASP A 1 69 ? -8.530  -2.228  11.116  1.00 8.79  ? 406 ASP A CA  1 
ATOM   555 C C   . ASP A 1 69 ? -7.196  -2.713  11.675  1.00 13.49 ? 406 ASP A C   1 
ATOM   556 O O   . ASP A 1 69 ? -7.160  -3.573  12.556  1.00 12.84 ? 406 ASP A O   1 
ATOM   557 C CB  . ASP A 1 69 ? -8.975  -3.252  10.073  1.00 10.56 ? 406 ASP A CB  1 
ATOM   558 C CG  . ASP A 1 69 ? -10.350 -2.990  9.520   1.00 16.34 ? 406 ASP A CG  1 
ATOM   559 O OD1 . ASP A 1 69 ? -11.100 -2.162  10.077  1.00 19.72 ? 406 ASP A OD1 1 
ATOM   560 O OD2 . ASP A 1 69 ? -10.682 -3.647  8.508   1.00 18.52 ? 406 ASP A OD2 1 
ATOM   561 N N   . LEU A 1 70 ? -6.104  -2.183  11.132  1.00 9.67  ? 407 LEU A N   1 
ATOM   562 C CA  . LEU A 1 70 ? -4.759  -2.644  11.455  1.00 11.12 ? 407 LEU A CA  1 
ATOM   563 C C   . LEU A 1 70 ? -3.958  -1.586  12.199  1.00 11.72 ? 407 LEU A C   1 
ATOM   564 O O   . LEU A 1 70 ? -2.786  -1.798  12.524  1.00 12.94 ? 407 LEU A O   1 
ATOM   565 C CB  . LEU A 1 70 ? -4.010  -2.994  10.160  1.00 12.01 ? 407 LEU A CB  1 
ATOM   566 C CG  . LEU A 1 70 ? -4.651  -4.117  9.348   1.00 15.85 ? 407 LEU A CG  1 
ATOM   567 C CD1 . LEU A 1 70 ? -4.009  -4.235  7.974   1.00 17.34 ? 407 LEU A CD1 1 
ATOM   568 C CD2 . LEU A 1 70 ? -4.525  -5.424  10.098  1.00 16.72 ? 407 LEU A CD2 1 
ATOM   569 N N   . GLY A 1 71 ? -4.564  -0.428  12.438  1.00 12.76 ? 408 GLY A N   1 
ATOM   570 C CA  . GLY A 1 71 ? -3.830  0.678   13.025  1.00 14.22 ? 408 GLY A CA  1 
ATOM   571 C C   . GLY A 1 71 ? -2.847  1.279   12.037  1.00 14.22 ? 408 GLY A C   1 
ATOM   572 O O   . GLY A 1 71 ? -1.884  1.944   12.415  1.00 14.41 ? 408 GLY A O   1 
ATOM   573 N N   . MET A 1 72 ? -3.095  1.035   10.755  1.00 14.40 ? 409 MET A N   1 
ATOM   574 C CA  . MET A 1 72 ? -2.271  1.608   9.699   1.00 12.90 ? 409 MET A CA  1 
ATOM   575 C C   . MET A 1 72 ? -2.570  3.097   9.547   1.00 14.00 ? 409 MET A C   1 
ATOM   576 O O   . MET A 1 72 ? -3.739  3.501   9.536   1.00 16.40 ? 409 MET A O   1 
ATOM   577 C CB  . MET A 1 72 ? -2.544  0.879   8.389   1.00 11.95 ? 409 MET A CB  1 
ATOM   578 C CG  . MET A 1 72 ? -1.695  1.367   7.224   1.00 14.80 ? 409 MET A CG  1 
ATOM   579 S SD  . MET A 1 72 ? -2.127  0.465   5.724   1.00 13.74 ? 409 MET A SD  1 
ATOM   580 C CE  . MET A 1 72 ? -1.556  -1.183  6.141   1.00 16.21 ? 409 MET A CE  1 
ATOM   581 N N   . GLU A 1 73 ? -1.508  3.894   9.402   1.00 11.01 ? 410 GLU A N   1 
ATOM   582 C CA  . GLU A 1 73 ? -1.580  5.356   9.439   1.00 13.50 ? 410 GLU A CA  1 
ATOM   583 C C   . GLU A 1 73 ? -0.866  5.990   8.255   1.00 14.79 ? 410 GLU A C   1 
ATOM   584 O O   . GLU A 1 73 ? -0.014  5.370   7.638   1.00 11.17 ? 410 GLU A O   1 
ATOM   585 C CB  . GLU A 1 73 ? -0.932  5.868   10.730  1.00 14.70 ? 410 GLU A CB  1 
ATOM   586 C CG  . GLU A 1 73 ? -1.640  5.384   11.986  1.00 23.21 ? 410 GLU A CG  1 
ATOM   587 C CD  . GLU A 1 73 ? -0.837  5.627   13.257  1.00 31.78 ? 410 GLU A CD  1 
ATOM   588 O OE1 . GLU A 1 73 ? 0.390   5.833   13.164  1.00 21.99 ? 410 GLU A OE1 1 
ATOM   589 O OE2 . GLU A 1 73 ? -1.438  5.599   14.353  1.00 34.89 ? 410 GLU A OE2 1 
ATOM   590 N N   . SER A 1 74 ? -1.197  7.243   7.947   1.00 14.01 ? 411 SER A N   1 
ATOM   591 C CA  . SER A 1 74 ? -0.471  7.932   6.898   1.00 11.16 ? 411 SER A CA  1 
ATOM   592 C C   . SER A 1 74 ? 1.012   7.931   7.278   1.00 12.81 ? 411 SER A C   1 
ATOM   593 O O   . SER A 1 74 ? 1.363   8.172   8.440   1.00 13.03 ? 411 SER A O   1 
ATOM   594 C CB  . SER A 1 74 ? -0.992  9.361   6.748   1.00 12.81 ? 411 SER A CB  1 
ATOM   595 O OG  . SER A 1 74 ? -0.574  9.910   5.521   1.00 13.99 ? 411 SER A OG  1 
ATOM   596 N N   . GLY A 1 75 ? 1.877   7.631   6.315   1.00 11.00 ? 412 GLY A N   1 
ATOM   597 C CA  . GLY A 1 75 ? 3.302   7.563   6.584   1.00 9.30  ? 412 GLY A CA  1 
ATOM   598 C C   . GLY A 1 75 ? 3.839   6.185   6.914   1.00 10.54 ? 412 GLY A C   1 
ATOM   599 O O   . GLY A 1 75 ? 5.033   6.026   7.173   1.00 11.58 ? 412 GLY A O   1 
ATOM   600 N N   . ASP A 1 76 ? 2.967   5.181   6.911   1.00 8.03  ? 413 ASP A N   1 
ATOM   601 C CA  . ASP A 1 76 ? 3.385   3.800   7.135   1.00 10.11 ? 413 ASP A CA  1 
ATOM   602 C C   . ASP A 1 76 ? 3.919   3.158   5.867   1.00 12.22 ? 413 ASP A C   1 
ATOM   603 O O   . ASP A 1 76 ? 3.732   3.689   4.767   1.00 11.82 ? 413 ASP A O   1 
ATOM   604 C CB  . ASP A 1 76 ? 2.223   2.973   7.685   1.00 9.23  ? 413 ASP A CB  1 
ATOM   605 C CG  . ASP A 1 76 ? 2.114   3.063   9.200   1.00 16.20 ? 413 ASP A CG  1 
ATOM   606 O OD1 . ASP A 1 76 ? 3.160   3.276   9.844   1.00 16.35 ? 413 ASP A OD1 1 
ATOM   607 O OD2 . ASP A 1 76 ? 0.999   2.913   9.741   1.00 15.59 ? 413 ASP A OD2 1 
ATOM   608 N N   . LEU A 1 77 ? 4.599   2.025   6.022   1.00 10.31 ? 414 LEU A N   1 
ATOM   609 C CA  . LEU A 1 77 ? 5.184   1.330   4.886   1.00 12.58 ? 414 LEU A CA  1 
ATOM   610 C C   . LEU A 1 77 ? 4.664   -0.100  4.791   1.00 11.86 ? 414 LEU A C   1 
ATOM   611 O O   . LEU A 1 77 ? 4.481   -0.788  5.797   1.00 11.70 ? 414 LEU A O   1 
ATOM   612 C CB  . LEU A 1 77 ? 6.717   1.325   4.967   1.00 20.98 ? 414 LEU A CB  1 
ATOM   613 C CG  . LEU A 1 77 ? 7.432   0.651   3.784   1.00 15.97 ? 414 LEU A CG  1 
ATOM   614 C CD1 . LEU A 1 77 ? 8.612   1.460   3.293   1.00 18.48 ? 414 LEU A CD1 1 
ATOM   615 C CD2 . LEU A 1 77 ? 7.863   -0.749  4.153   1.00 18.65 ? 414 LEU A CD2 1 
ATOM   616 N N   . ILE A 1 78 ? 4.414   -0.523  3.560   1.00 8.40  ? 415 ILE A N   1 
ATOM   617 C CA  . ILE A 1 78 ? 3.969   -1.877  3.278   1.00 10.00 ? 415 ILE A CA  1 
ATOM   618 C C   . ILE A 1 78 ? 5.076   -2.531  2.478   1.00 11.83 ? 415 ILE A C   1 
ATOM   619 O O   . ILE A 1 78 ? 5.527   -1.968  1.484   1.00 10.61 ? 415 ILE A O   1 
ATOM   620 C CB  . ILE A 1 78 ? 2.676   -1.838  2.467   1.00 12.36 ? 415 ILE A CB  1 
ATOM   621 C CG1 . ILE A 1 78 ? 1.565   -1.247  3.343   1.00 13.75 ? 415 ILE A CG1 1 
ATOM   622 C CG2 . ILE A 1 78 ? 2.314   -3.216  1.951   1.00 11.84 ? 415 ILE A CG2 1 
ATOM   623 C CD1 . ILE A 1 78 ? 0.326   -0.862  2.588   1.00 19.16 ? 415 ILE A CD1 1 
ATOM   624 N N   . GLU A 1 79 ? 5.530   -3.699  2.930   1.00 10.19 ? 416 GLU A N   1 
ATOM   625 C CA  . GLU A 1 79 ? 6.640   -4.412  2.294   1.00 10.09 ? 416 GLU A CA  1 
ATOM   626 C C   . GLU A 1 79 ? 6.050   -5.446  1.335   1.00 11.48 ? 416 GLU A C   1 
ATOM   627 O O   . GLU A 1 79 ? 5.156   -6.184  1.716   1.00 13.17 ? 416 GLU A O   1 
ATOM   628 C CB  . GLU A 1 79 ? 7.510   -5.100  3.354   1.00 14.25 ? 416 GLU A CB  1 
ATOM   629 C CG  . GLU A 1 79 ? 8.137   -4.130  4.356   1.00 16.63 ? 416 GLU A CG  1 
ATOM   630 C CD  . GLU A 1 79 ? 9.304   -4.716  5.156   1.00 28.65 ? 416 GLU A CD  1 
ATOM   631 O OE1 . GLU A 1 79 ? 9.455   -5.949  5.194   1.00 30.44 ? 416 GLU A OE1 1 
ATOM   632 O OE2 . GLU A 1 79 ? 10.076  -3.931  5.752   1.00 42.32 ? 416 GLU A OE2 1 
ATOM   633 N N   . VAL A 1 80 ? 6.544   -5.493  0.102   1.00 9.68  ? 417 VAL A N   1 
ATOM   634 C CA  . VAL A 1 80 ? 6.062   -6.463  -0.883  1.00 10.16 ? 417 VAL A CA  1 
ATOM   635 C C   . VAL A 1 80 ? 7.138   -7.508  -1.118  1.00 12.05 ? 417 VAL A C   1 
ATOM   636 O O   . VAL A 1 80 ? 8.244   -7.175  -1.528  1.00 11.67 ? 417 VAL A O   1 
ATOM   637 C CB  . VAL A 1 80 ? 5.750   -5.796  -2.238  1.00 13.23 ? 417 VAL A CB  1 
ATOM   638 C CG1 . VAL A 1 80 ? 4.961   -6.759  -3.123  1.00 14.09 ? 417 VAL A CG1 1 
ATOM   639 C CG2 . VAL A 1 80 ? 4.983   -4.514  -2.033  1.00 14.48 ? 417 VAL A CG2 1 
ATOM   640 N N   . TRP A 1 81 ? 6.810   -8.767  -0.846  1.00 10.97 ? 418 TRP A N   1 
ATOM   641 C CA  . TRP A 1 81 ? 7.754   -9.866  -1.031  1.00 10.35 ? 418 TRP A CA  1 
ATOM   642 C C   . TRP A 1 81 ? 7.430   -10.666 -2.281  1.00 13.04 ? 418 TRP A C   1 
ATOM   643 O O   . TRP A 1 81 ? 6.263   -10.940 -2.559  1.00 13.61 ? 418 TRP A O   1 
ATOM   644 C CB  . TRP A 1 81 ? 7.715   -10.790 0.186   1.00 12.45 ? 418 TRP A CB  1 
ATOM   645 C CG  . TRP A 1 81 ? 8.130   -10.104 1.444   1.00 10.80 ? 418 TRP A CG  1 
ATOM   646 C CD1 . TRP A 1 81 ? 7.351   -9.308  2.240   1.00 13.20 ? 418 TRP A CD1 1 
ATOM   647 C CD2 . TRP A 1 81 ? 9.426   -10.143 2.062   1.00 10.20 ? 418 TRP A CD2 1 
ATOM   648 N NE1 . TRP A 1 81 ? 8.086   -8.846  3.307   1.00 15.49 ? 418 TRP A NE1 1 
ATOM   649 C CE2 . TRP A 1 81 ? 9.359   -9.352  3.224   1.00 14.99 ? 418 TRP A CE2 1 
ATOM   650 C CE3 . TRP A 1 81 ? 10.632  -10.779 1.747   1.00 12.59 ? 418 TRP A CE3 1 
ATOM   651 C CZ2 . TRP A 1 81 ? 10.454  -9.172  4.071   1.00 17.10 ? 418 TRP A CZ2 1 
ATOM   652 C CZ3 . TRP A 1 81 ? 11.717  -10.595 2.588   1.00 11.60 ? 418 TRP A CZ3 1 
ATOM   653 C CH2 . TRP A 1 81 ? 11.619  -9.797  3.735   1.00 14.55 ? 418 TRP A CH2 1 
ATOM   654 N N   . GLY A 1 82 ? 8.470   -11.046 -3.021  1.00 12.46 ? 419 GLY A N   1 
ATOM   655 C CA  . GLY A 1 82 ? 8.301   -11.835 -4.228  1.00 11.57 ? 419 GLY A CA  1 
ATOM   656 C C   . GLY A 1 82 ? 8.685   -11.097 -5.494  1.00 14.36 ? 419 GLY A C   1 
ATOM   657 O O   . GLY A 1 82 ? 8.631   -11.672 -6.587  1.00 19.24 ? 419 GLY A O   1 
ATOM   658 O OXT . GLY A 1 82 ? 9.059   -9.926  -5.463  1.00 16.95 ? 419 GLY A OXT 1 
HETATM 659 O O   . HOH B 2 .  ? -1.576  -10.456 -2.172  1.00 15.47 ? 1   HOH A O   1 
HETATM 660 O O   . HOH B 2 .  ? -1.923  6.923   -5.289  1.00 24.38 ? 2   HOH A O   1 
HETATM 661 O O   . HOH B 2 .  ? -9.539  3.285   7.756   1.00 16.91 ? 3   HOH A O   1 
HETATM 662 O O   . HOH B 2 .  ? 6.000   -5.909  7.452   1.00 15.93 ? 4   HOH A O   1 
HETATM 663 O O   . HOH B 2 .  ? -8.017  5.475   8.984   1.00 21.04 ? 5   HOH A O   1 
HETATM 664 O O   . HOH B 2 .  ? -1.194  -13.347 -8.784  1.00 23.09 ? 6   HOH A O   1 
HETATM 665 O O   . HOH B 2 .  ? 1.359   -10.146 -8.360  1.00 23.34 ? 7   HOH A O   1 
HETATM 666 O O   . HOH B 2 .  ? -12.562 -4.511  6.561   1.00 20.22 ? 8   HOH A O   1 
HETATM 667 O O   . HOH B 2 .  ? -0.716  -10.114 0.431   1.00 12.87 ? 9   HOH A O   1 
HETATM 668 O O   . HOH B 2 .  ? -11.897 3.932   8.927   1.00 26.55 ? 10  HOH A O   1 
HETATM 669 O O   . HOH B 2 .  ? 5.447   -2.975  7.215   1.00 20.05 ? 11  HOH A O   1 
HETATM 670 O O   . HOH B 2 .  ? 4.839   0.605   8.556   1.00 18.11 ? 12  HOH A O   1 
HETATM 671 O O   . HOH B 2 .  ? 7.686   -5.977  -5.902  1.00 17.60 ? 13  HOH A O   1 
HETATM 672 O O   . HOH B 2 .  ? -9.816  -6.418  9.051   1.00 25.09 ? 14  HOH A O   1 
HETATM 673 O O   . HOH B 2 .  ? -3.931  4.380   14.658  1.00 30.85 ? 15  HOH A O   1 
HETATM 674 O O   . HOH B 2 .  ? -11.774 -0.367  12.128  1.00 24.38 ? 16  HOH A O   1 
HETATM 675 O O   . HOH B 2 .  ? 0.810   2.207   12.227  1.00 21.79 ? 17  HOH A O   1 
HETATM 676 O O   . HOH B 2 .  ? -3.118  -8.440  7.904   1.00 18.91 ? 18  HOH A O   1 
HETATM 677 O O   . HOH B 2 .  ? 8.933   -7.594  -4.135  1.00 15.08 ? 19  HOH A O   1 
HETATM 678 O O   . HOH B 2 .  ? -1.012  -6.668  8.747   1.00 18.86 ? 20  HOH A O   1 
HETATM 679 O O   . HOH B 2 .  ? -8.487  5.187   -2.363  1.00 16.68 ? 21  HOH A O   1 
HETATM 680 O O   . HOH B 2 .  ? -7.925  18.709  3.302   1.00 27.33 ? 22  HOH A O   1 
HETATM 681 O O   . HOH B 2 .  ? 11.843  -11.704 -9.842  1.00 35.06 ? 23  HOH A O   1 
HETATM 682 O O   . HOH B 2 .  ? 0.967   -7.741  12.679  1.00 29.14 ? 24  HOH A O   1 
HETATM 683 O O   . HOH B 2 .  ? 13.047  2.606   -3.283  1.00 19.03 ? 25  HOH A O   1 
HETATM 684 O O   . HOH B 2 .  ? -13.190 10.256  6.073   1.00 24.11 ? 26  HOH A O   1 
HETATM 685 O O   . HOH B 2 .  ? -12.594 -4.826  10.887  1.00 21.29 ? 27  HOH A O   1 
HETATM 686 O O   . HOH B 2 .  ? 7.818   -7.530  5.906   1.00 23.93 ? 28  HOH A O   1 
HETATM 687 O O   . HOH B 2 .  ? -10.317 -8.438  7.044   1.00 28.79 ? 29  HOH A O   1 
HETATM 688 O O   . HOH B 2 .  ? -1.138  -6.401  11.372  1.00 20.07 ? 30  HOH A O   1 
HETATM 689 O O   . HOH B 2 .  ? -9.431  -4.490  13.841  1.00 19.90 ? 31  HOH A O   1 
HETATM 690 O O   . HOH B 2 .  ? 8.449   -3.206  -11.663 1.00 20.08 ? 32  HOH A O   1 
HETATM 691 O O   . HOH B 2 .  ? -10.059 -0.560  14.314  1.00 21.39 ? 33  HOH A O   1 
HETATM 692 O O   . HOH B 2 .  ? 5.428   7.106   -6.186  1.00 25.08 ? 34  HOH A O   1 
HETATM 693 O O   . HOH B 2 .  ? 0.472   9.599   10.577  1.00 22.67 ? 35  HOH A O   1 
HETATM 694 O O   . HOH B 2 .  ? -5.711  4.853   10.412  1.00 26.32 ? 36  HOH A O   1 
HETATM 695 O O   . HOH B 2 .  ? 8.940   -8.135  -7.596  1.00 19.71 ? 37  HOH A O   1 
HETATM 696 O O   . HOH B 2 .  ? 7.508   4.533   -8.538  1.00 30.17 ? 38  HOH A O   1 
HETATM 697 O O   . HOH B 2 .  ? -1.942  -17.082 -4.417  1.00 31.33 ? 39  HOH A O   1 
HETATM 698 O O   . HOH B 2 .  ? 10.110  -3.946  1.402   1.00 24.93 ? 40  HOH A O   1 
HETATM 699 O O   . HOH B 2 .  ? -12.777 8.416   3.816   1.00 24.19 ? 41  HOH A O   1 
HETATM 700 O O   . HOH B 2 .  ? -3.984  3.468   17.180  1.00 33.31 ? 42  HOH A O   1 
HETATM 701 O O   . HOH B 2 .  ? -5.450  -5.902  -10.685 1.00 27.37 ? 43  HOH A O   1 
HETATM 702 O O   . HOH B 2 .  ? -1.421  -4.188  12.878  1.00 28.21 ? 44  HOH A O   1 
HETATM 703 O O   . HOH B 2 .  ? -2.050  -10.588 -9.891  1.00 26.83 ? 45  HOH A O   1 
HETATM 704 O O   . HOH B 2 .  ? 1.139   -15.917 -13.749 1.00 31.60 ? 46  HOH A O   1 
HETATM 705 O O   . HOH B 2 .  ? -5.026  7.419   10.876  1.00 30.10 ? 47  HOH A O   1 
HETATM 706 O O   . HOH B 2 .  ? -7.027  -0.368  -7.162  1.00 27.11 ? 48  HOH A O   1 
HETATM 707 O O   . HOH B 2 .  ? -3.174  13.187  4.046   1.00 29.38 ? 49  HOH A O   1 
HETATM 708 O O   . HOH B 2 .  ? -11.345 -7.160  11.049  1.00 36.03 ? 50  HOH A O   1 
HETATM 709 O O   . HOH B 2 .  ? 7.844   3.420   -12.362 1.00 37.03 ? 51  HOH A O   1 
HETATM 710 O O   . HOH B 2 .  ? -8.740  -10.321 6.303   1.00 35.52 ? 52  HOH A O   1 
HETATM 711 O O   . HOH B 2 .  ? 2.174   -16.085 0.678   1.00 24.79 ? 53  HOH A O   1 
HETATM 712 O O   . HOH B 2 .  ? -5.431  3.524   12.579  1.00 28.28 ? 54  HOH A O   1 
HETATM 713 O O   . HOH B 2 .  ? -4.260  -9.259  10.173  1.00 27.65 ? 55  HOH A O   1 
HETATM 714 O O   . HOH B 2 .  ? 10.077  -9.019  -9.971  1.00 33.58 ? 56  HOH A O   1 
HETATM 715 O O   . HOH B 2 .  ? 1.488   -12.588 11.941  1.00 23.84 ? 57  HOH A O   1 
HETATM 716 O O   . HOH B 2 .  ? 6.171   4.613   -10.903 1.00 33.41 ? 58  HOH A O   1 
HETATM 717 O O   . HOH B 2 .  ? -0.916  1.969   15.353  1.00 33.75 ? 59  HOH A O   1 
HETATM 718 O O   . HOH B 2 .  ? -4.203  5.867   -5.689  1.00 29.59 ? 60  HOH A O   1 
HETATM 719 O O   . HOH B 2 .  ? -2.412  0.718   16.993  1.00 25.80 ? 61  HOH A O   1 
HETATM 720 O O   . HOH B 2 .  ? 0.331   4.193   16.433  1.00 36.78 ? 62  HOH A O   1 
HETATM 721 O O   . HOH B 2 .  ? -2.619  22.150  3.734   1.00 30.65 ? 63  HOH A O   1 
HETATM 722 O O   . HOH B 2 .  ? -14.420 8.613   1.709   1.00 34.50 ? 64  HOH A O   1 
HETATM 723 O O   . HOH B 2 .  ? -2.915  8.837   9.567   1.00 27.87 ? 65  HOH A O   1 
HETATM 724 O O   . HOH B 2 .  ? -2.327  17.516  4.270   1.00 33.97 ? 66  HOH A O   1 
HETATM 725 O O   . HOH B 2 .  ? -6.208  -10.469 7.323   1.00 36.09 ? 67  HOH A O   1 
HETATM 726 O O   . HOH B 2 .  ? -3.443  11.154  8.902   1.00 32.05 ? 68  HOH A O   1 
HETATM 727 O O   . HOH B 2 .  ? 1.538   -15.771 -16.482 1.00 32.72 ? 69  HOH A O   1 
HETATM 728 O O   . HOH B 2 .  ? -9.458  13.287  10.812  1.00 39.58 ? 70  HOH A O   1 
HETATM 729 O O   . HOH B 2 .  ? 0.668   6.028   -9.336  1.00 30.12 ? 71  HOH A O   1 
HETATM 730 O O   . HOH B 2 .  ? 6.112   9.776   -4.491  1.00 33.24 ? 72  HOH A O   1 
HETATM 731 O O   . HOH B 2 .  ? 1.978   7.104   15.212  1.00 34.67 ? 73  HOH A O   1 
HETATM 732 O O   . HOH B 2 .  ? -12.807 2.032   11.175  1.00 36.77 ? 74  HOH A O   1 
HETATM 733 O O   . HOH B 2 .  ? -2.801  -7.028  -10.429 1.00 28.93 ? 75  HOH A O   1 
HETATM 734 O O   . HOH B 2 .  ? 0.108   -13.836 -2.265  1.00 30.07 ? 76  HOH A O   1 
HETATM 735 O O   . HOH B 2 .  ? 0.330   5.720   -6.576  1.00 26.21 ? 77  HOH A O   1 
HETATM 736 O O   . HOH B 2 .  ? -2.873  -8.394  12.301  1.00 31.82 ? 78  HOH A O   1 
HETATM 737 O O   . HOH B 2 .  ? -6.338  -14.060 2.915   1.00 33.41 ? 79  HOH A O   1 
HETATM 738 O O   . HOH B 2 .  ? 1.888   0.025   13.439  1.00 37.16 ? 80  HOH A O   1 
HETATM 739 O O   . HOH B 2 .  ? 17.697  -2.533  -5.961  1.00 30.89 ? 81  HOH A O   1 
HETATM 740 O O   . HOH B 2 .  ? -2.362  -16.601 -6.937  1.00 31.96 ? 82  HOH A O   1 
HETATM 741 O O   . HOH B 2 .  ? -0.578  -0.802  14.024  1.00 30.76 ? 83  HOH A O   1 
HETATM 742 O O   . HOH B 2 .  ? 8.646   6.837   -5.434  1.00 33.80 ? 84  HOH A O   1 
HETATM 743 O O   . HOH B 2 .  ? -10.213 -12.245 7.146   1.00 39.17 ? 85  HOH A O   1 
HETATM 744 O O   . HOH B 2 .  ? -6.250  -12.817 0.596   1.00 32.75 ? 86  HOH A O   1 
HETATM 745 O O   . HOH B 2 .  ? -6.161  0.570   -9.320  1.00 31.77 ? 87  HOH A O   1 
HETATM 746 O O   . HOH B 2 .  ? 2.793   18.636  6.527   1.00 34.27 ? 88  HOH A O   1 
HETATM 747 O O   . HOH B 2 .  ? 5.008   14.025  8.211   1.00 29.98 ? 89  HOH A O   1 
HETATM 748 O O   . HOH B 2 .  ? 0.036   16.355  3.852   1.00 33.91 ? 90  HOH A O   1 
HETATM 749 O O   . HOH B 2 .  ? -2.468  6.876   -9.497  1.00 31.78 ? 91  HOH A O   1 
HETATM 750 O O   . HOH B 2 .  ? 15.872  -1.452  -1.754  1.00 29.69 ? 92  HOH A O   1 
HETATM 751 O O   . HOH B 2 .  ? -6.001  4.670   -3.885  1.00 26.98 ? 93  HOH A O   1 
HETATM 752 O O   . HOH B 2 .  ? -9.666  -7.560  13.378  1.00 35.12 ? 94  HOH A O   1 
HETATM 753 O O   . HOH B 2 .  ? 2.465   17.410  8.654   1.00 34.45 ? 96  HOH A O   1 
HETATM 754 O O   . HOH B 2 .  ? -0.796  8.406   -8.576  1.00 38.83 ? 97  HOH A O   1 
HETATM 755 O O   . HOH B 2 .  ? 4.391   2.706   -14.216 1.00 31.70 ? 99  HOH A O   1 
HETATM 756 O O   . HOH B 2 .  ? -8.499  15.564  8.415   1.00 29.42 ? 100 HOH A O   1 
HETATM 757 O O   . HOH B 2 .  ? 10.994  6.366   -6.610  1.00 33.98 ? 101 HOH A O   1 
HETATM 758 O O   . HOH B 2 .  ? -3.609  -12.176 5.975   1.00 31.74 ? 102 HOH A O   1 
HETATM 759 O O   . HOH B 2 .  ? 5.171   -13.810 -2.553  1.00 33.37 ? 103 HOH A O   1 
HETATM 760 O O   . HOH B 2 .  ? -2.705  23.452  -0.847  1.00 37.34 ? 104 HOH A O   1 
HETATM 761 O O   . HOH B 2 .  ? -1.863  4.884   18.023  1.00 34.69 ? 105 HOH A O   1 
HETATM 762 O O   . HOH B 2 .  ? -4.695  11.385  6.760   1.00 33.14 ? 106 HOH A O   1 
HETATM 763 O O   . HOH B 2 .  ? 6.576   -13.904 -6.724  1.00 36.96 ? 107 HOH A O   1 
HETATM 764 O O   . HOH B 2 .  ? -10.186 6.622   10.639  1.00 38.54 ? 108 HOH A O   1 
HETATM 765 O O   . HOH B 2 .  ? -4.971  -5.376  14.232  1.00 24.67 ? 109 HOH A O   1 
HETATM 766 O O   . HOH B 2 .  ? 12.336  -13.258 -12.508 1.00 41.89 ? 110 HOH A O   1 
# 
loop_
_pdbx_poly_seq_scheme.asym_id 
_pdbx_poly_seq_scheme.entity_id 
_pdbx_poly_seq_scheme.seq_id 
_pdbx_poly_seq_scheme.mon_id 
_pdbx_poly_seq_scheme.ndb_seq_num 
_pdbx_poly_seq_scheme.pdb_seq_num 
_pdbx_poly_seq_scheme.auth_seq_num 
_pdbx_poly_seq_scheme.pdb_mon_id 
_pdbx_poly_seq_scheme.auth_mon_id 
_pdbx_poly_seq_scheme.pdb_strand_id 
_pdbx_poly_seq_scheme.pdb_ins_code 
_pdbx_poly_seq_scheme.hetero 
A 1 1  MET 1  338 338 MET MET A . n 
A 1 2  HIS 2  339 339 HIS ALA A . n 
A 1 3  HIS 3  340 340 HIS HIS A . n 
A 1 4  HIS 4  341 341 HIS HIS A . n 
A 1 5  HIS 5  342 342 HIS HIS A . n 
A 1 6  HIS 6  343 343 HIS HIS A . n 
A 1 7  HIS 7  344 344 HIS HIS A . n 
A 1 8  SER 8  345 345 SER SER A . n 
A 1 9  GLN 9  346 346 GLN GLN A . n 
A 1 10 GLN 10 347 347 GLN GLN A . n 
A 1 11 LEU 11 348 348 LEU LEU A . n 
A 1 12 GLN 12 349 349 GLN GLN A . n 
A 1 13 LEU 13 350 350 LEU LEU A . n 
A 1 14 ARG 14 351 351 ARG ARG A . n 
A 1 15 VAL 15 352 352 VAL VAL A . n 
A 1 16 GLN 16 353 353 GLN GLN A . n 
A 1 17 GLY 17 354 354 GLY GLY A . n 
A 1 18 LYS 18 355 355 LYS LYS A . n 
A 1 19 GLU 19 356 356 GLU GLU A . n 
A 1 20 LYS 20 357 357 LYS LYS A . n 
A 1 21 HIS 21 358 358 HIS HIS A . n 
A 1 22 GLN 22 359 359 GLN GLN A . n 
A 1 23 THR 23 360 360 THR THR A . n 
A 1 24 LEU 24 361 361 LEU LEU A . n 
A 1 25 GLU 25 362 362 GLU GLU A . n 
A 1 26 VAL 26 363 363 VAL VAL A . n 
A 1 27 SER 27 364 364 SER SER A . n 
A 1 28 LEU 28 365 365 LEU LEU A . n 
A 1 29 SER 29 366 366 SER SER A . n 
A 1 30 ARG 30 367 367 ARG ARG A . n 
A 1 31 ASP 31 368 368 ASP ASP A . n 
A 1 32 SER 32 369 369 SER SER A . n 
A 1 33 PRO 33 370 370 PRO PRO A . n 
A 1 34 LEU 34 371 371 LEU LEU A . n 
A 1 35 LYS 35 372 372 LYS LYS A . n 
A 1 36 THR 36 373 373 THR THR A . n 
A 1 37 LEU 37 374 374 LEU LEU A . n 
A 1 38 MET 38 375 375 MET MET A . n 
A 1 39 SER 39 376 376 SER SER A . n 
A 1 40 HIS 40 377 377 HIS HIS A . n 
A 1 41 TYR 41 378 378 TYR TYR A . n 
A 1 42 GLU 42 379 379 GLU GLU A . n 
A 1 43 GLU 43 380 380 GLU GLU A . n 
A 1 44 ALA 44 381 381 ALA ALA A . n 
A 1 45 MET 45 382 382 MET MET A . n 
A 1 46 GLY 46 383 383 GLY GLY A . n 
A 1 47 LEU 47 384 384 LEU LEU A . n 
A 1 48 SER 48 385 385 SER SER A . n 
A 1 49 GLY 49 386 386 GLY GLY A . n 
A 1 50 ARG 50 387 387 ARG ARG A . n 
A 1 51 LYS 51 388 388 LYS LYS A . n 
A 1 52 LEU 52 389 389 LEU LEU A . n 
A 1 53 SER 53 390 390 SER SER A . n 
A 1 54 PHE 54 391 391 PHE PHE A . n 
A 1 55 PHE 55 392 392 PHE PHE A . n 
A 1 56 PHE 56 393 393 PHE PHE A . n 
A 1 57 ASP 57 394 394 ASP ASP A . n 
A 1 58 GLY 58 395 395 GLY GLY A . n 
A 1 59 THR 59 396 396 THR THR A . n 
A 1 60 LYS 60 397 397 LYS LYS A . n 
A 1 61 LEU 61 398 398 LEU LEU A . n 
A 1 62 SER 62 399 399 SER SER A . n 
A 1 63 GLY 63 400 400 GLY GLY A . n 
A 1 64 ARG 64 401 401 ARG ARG A . n 
A 1 65 GLU 65 402 402 GLU GLU A . n 
A 1 66 LEU 66 403 403 LEU LEU A . n 
A 1 67 PRO 67 404 404 PRO PRO A . n 
A 1 68 ALA 68 405 405 ALA ALA A . n 
A 1 69 ASP 69 406 406 ASP ASP A . n 
A 1 70 LEU 70 407 407 LEU LEU A . n 
A 1 71 GLY 71 408 408 GLY GLY A . n 
A 1 72 MET 72 409 409 MET MET A . n 
A 1 73 GLU 73 410 410 GLU GLU A . n 
A 1 74 SER 74 411 411 SER SER A . n 
A 1 75 GLY 75 412 412 GLY GLY A . n 
A 1 76 ASP 76 413 413 ASP ASP A . n 
A 1 77 LEU 77 414 414 LEU LEU A . n 
A 1 78 ILE 78 415 415 ILE ILE A . n 
A 1 79 GLU 79 416 416 GLU GLU A . n 
A 1 80 VAL 80 417 417 VAL VAL A . n 
A 1 81 TRP 81 418 418 TRP TRP A . n 
A 1 82 GLY 82 419 419 GLY GLY A . n 
# 
loop_
_pdbx_nonpoly_scheme.asym_id 
_pdbx_nonpoly_scheme.entity_id 
_pdbx_nonpoly_scheme.mon_id 
_pdbx_nonpoly_scheme.ndb_seq_num 
_pdbx_nonpoly_scheme.pdb_seq_num 
_pdbx_nonpoly_scheme.auth_seq_num 
_pdbx_nonpoly_scheme.pdb_mon_id 
_pdbx_nonpoly_scheme.auth_mon_id 
_pdbx_nonpoly_scheme.pdb_strand_id 
_pdbx_nonpoly_scheme.pdb_ins_code 
B 2 HOH 1   1   1   HOH HOH A . 
B 2 HOH 2   2   2   HOH HOH A . 
B 2 HOH 3   3   3   HOH HOH A . 
B 2 HOH 4   4   4   HOH HOH A . 
B 2 HOH 5   5   5   HOH HOH A . 
B 2 HOH 6   6   6   HOH HOH A . 
B 2 HOH 7   7   7   HOH HOH A . 
B 2 HOH 8   8   8   HOH HOH A . 
B 2 HOH 9   9   9   HOH HOH A . 
B 2 HOH 10  10  10  HOH HOH A . 
B 2 HOH 11  11  11  HOH HOH A . 
B 2 HOH 12  12  12  HOH HOH A . 
B 2 HOH 13  13  13  HOH HOH A . 
B 2 HOH 14  14  14  HOH HOH A . 
B 2 HOH 15  15  15  HOH HOH A . 
B 2 HOH 16  16  16  HOH HOH A . 
B 2 HOH 17  17  17  HOH HOH A . 
B 2 HOH 18  18  18  HOH HOH A . 
B 2 HOH 19  19  19  HOH HOH A . 
B 2 HOH 20  20  20  HOH HOH A . 
B 2 HOH 21  21  21  HOH HOH A . 
B 2 HOH 22  22  22  HOH HOH A . 
B 2 HOH 23  23  23  HOH HOH A . 
B 2 HOH 24  24  24  HOH HOH A . 
B 2 HOH 25  25  25  HOH HOH A . 
B 2 HOH 26  26  26  HOH HOH A . 
B 2 HOH 27  27  27  HOH HOH A . 
B 2 HOH 28  28  28  HOH HOH A . 
B 2 HOH 29  29  29  HOH HOH A . 
B 2 HOH 30  30  30  HOH HOH A . 
B 2 HOH 31  31  31  HOH HOH A . 
B 2 HOH 32  32  32  HOH HOH A . 
B 2 HOH 33  33  33  HOH HOH A . 
B 2 HOH 34  34  34  HOH HOH A . 
B 2 HOH 35  35  35  HOH HOH A . 
B 2 HOH 36  36  36  HOH HOH A . 
B 2 HOH 37  37  37  HOH HOH A . 
B 2 HOH 38  38  38  HOH HOH A . 
B 2 HOH 39  39  39  HOH HOH A . 
B 2 HOH 40  40  40  HOH HOH A . 
B 2 HOH 41  41  41  HOH HOH A . 
B 2 HOH 42  42  42  HOH HOH A . 
B 2 HOH 43  43  43  HOH HOH A . 
B 2 HOH 44  44  44  HOH HOH A . 
B 2 HOH 45  45  45  HOH HOH A . 
B 2 HOH 46  46  46  HOH HOH A . 
B 2 HOH 47  47  47  HOH HOH A . 
B 2 HOH 48  48  48  HOH HOH A . 
B 2 HOH 49  49  49  HOH HOH A . 
B 2 HOH 50  50  50  HOH HOH A . 
B 2 HOH 51  51  51  HOH HOH A . 
B 2 HOH 52  52  52  HOH HOH A . 
B 2 HOH 53  53  53  HOH HOH A . 
B 2 HOH 54  54  54  HOH HOH A . 
B 2 HOH 55  55  55  HOH HOH A . 
B 2 HOH 56  56  56  HOH HOH A . 
B 2 HOH 57  57  57  HOH HOH A . 
B 2 HOH 58  58  58  HOH HOH A . 
B 2 HOH 59  59  59  HOH HOH A . 
B 2 HOH 60  60  60  HOH HOH A . 
B 2 HOH 61  61  61  HOH HOH A . 
B 2 HOH 62  62  62  HOH HOH A . 
B 2 HOH 63  63  63  HOH HOH A . 
B 2 HOH 64  64  64  HOH HOH A . 
B 2 HOH 65  65  65  HOH HOH A . 
B 2 HOH 66  66  66  HOH HOH A . 
B 2 HOH 67  67  67  HOH HOH A . 
B 2 HOH 68  68  68  HOH HOH A . 
B 2 HOH 69  69  69  HOH HOH A . 
B 2 HOH 70  70  70  HOH HOH A . 
B 2 HOH 71  71  71  HOH HOH A . 
B 2 HOH 72  72  72  HOH HOH A . 
B 2 HOH 73  73  73  HOH HOH A . 
B 2 HOH 74  74  74  HOH HOH A . 
B 2 HOH 75  75  75  HOH HOH A . 
B 2 HOH 76  76  76  HOH HOH A . 
B 2 HOH 77  77  77  HOH HOH A . 
B 2 HOH 78  78  78  HOH HOH A . 
B 2 HOH 79  79  79  HOH HOH A . 
B 2 HOH 80  80  80  HOH HOH A . 
B 2 HOH 81  81  81  HOH HOH A . 
B 2 HOH 82  82  82  HOH HOH A . 
B 2 HOH 83  83  83  HOH HOH A . 
B 2 HOH 84  84  84  HOH HOH A . 
B 2 HOH 85  85  85  HOH HOH A . 
B 2 HOH 86  86  86  HOH HOH A . 
B 2 HOH 87  87  87  HOH HOH A . 
B 2 HOH 88  88  88  HOH HOH A . 
B 2 HOH 89  89  89  HOH HOH A . 
B 2 HOH 90  90  90  HOH HOH A . 
B 2 HOH 91  91  91  HOH HOH A . 
B 2 HOH 92  92  92  HOH HOH A . 
B 2 HOH 93  93  93  HOH HOH A . 
B 2 HOH 94  94  94  HOH HOH A . 
B 2 HOH 95  96  96  HOH HOH A . 
B 2 HOH 96  97  97  HOH HOH A . 
B 2 HOH 97  99  99  HOH HOH A . 
B 2 HOH 98  100 100 HOH HOH A . 
B 2 HOH 99  101 101 HOH HOH A . 
B 2 HOH 100 102 102 HOH HOH A . 
B 2 HOH 101 103 103 HOH HOH A . 
B 2 HOH 102 104 104 HOH HOH A . 
B 2 HOH 103 105 105 HOH HOH A . 
B 2 HOH 104 106 106 HOH HOH A . 
B 2 HOH 105 107 107 HOH HOH A . 
B 2 HOH 106 108 108 HOH HOH A . 
B 2 HOH 107 109 109 HOH HOH A . 
B 2 HOH 108 110 110 HOH HOH A . 
# 
_pdbx_struct_assembly.id                   1 
_pdbx_struct_assembly.details              author_and_software_defined_assembly 
_pdbx_struct_assembly.method_details       PISA 
_pdbx_struct_assembly.oligomeric_details   monomeric 
_pdbx_struct_assembly.oligomeric_count     1 
# 
_pdbx_struct_assembly_gen.assembly_id       1 
_pdbx_struct_assembly_gen.oper_expression   1 
_pdbx_struct_assembly_gen.asym_id_list      A,B 
# 
_pdbx_struct_oper_list.id                   1 
_pdbx_struct_oper_list.type                 'identity operation' 
_pdbx_struct_oper_list.name                 1_555 
_pdbx_struct_oper_list.symmetry_operation   x,y,z 
_pdbx_struct_oper_list.matrix[1][1]         1.0000000000 
_pdbx_struct_oper_list.matrix[1][2]         0.0000000000 
_pdbx_struct_oper_list.matrix[1][3]         0.0000000000 
_pdbx_struct_oper_list.vector[1]            0.0000000000 
_pdbx_struct_oper_list.matrix[2][1]         0.0000000000 
_pdbx_struct_oper_list.matrix[2][2]         1.0000000000 
_pdbx_struct_oper_list.matrix[2][3]         0.0000000000 
_pdbx_struct_oper_list.vector[2]            0.0000000000 
_pdbx_struct_oper_list.matrix[3][1]         0.0000000000 
_pdbx_struct_oper_list.matrix[3][2]         0.0000000000 
_pdbx_struct_oper_list.matrix[3][3]         1.0000000000 
_pdbx_struct_oper_list.vector[3]            0.0000000000 
# 
loop_
_pdbx_audit_revision_history.ordinal 
_pdbx_audit_revision_history.data_content_type 
_pdbx_audit_revision_history.major_revision 
_pdbx_audit_revision_history.minor_revision 
_pdbx_audit_revision_history.revision_date 
1 'Structure model' 1 0 2011-04-27 
2 'Structure model' 1 1 2011-07-13 
3 'Structure model' 1 2 2011-09-21 
4 'Structure model' 1 3 2023-09-13 
# 
_pdbx_audit_revision_details.ordinal             1 
_pdbx_audit_revision_details.revision_ordinal    1 
_pdbx_audit_revision_details.data_content_type   'Structure model' 
_pdbx_audit_revision_details.provider            repository 
_pdbx_audit_revision_details.type                'Initial release' 
_pdbx_audit_revision_details.description         ? 
_pdbx_audit_revision_details.details             ? 
# 
loop_
_pdbx_audit_revision_group.ordinal 
_pdbx_audit_revision_group.revision_ordinal 
_pdbx_audit_revision_group.data_content_type 
_pdbx_audit_revision_group.group 
1 2 'Structure model' 'Version format compliance' 
2 3 'Structure model' 'Database references'       
3 4 'Structure model' 'Data collection'           
4 4 'Structure model' 'Database references'       
5 4 'Structure model' 'Refinement description'    
# 
loop_
_pdbx_audit_revision_category.ordinal 
_pdbx_audit_revision_category.revision_ordinal 
_pdbx_audit_revision_category.data_content_type 
_pdbx_audit_revision_category.category 
1 4 'Structure model' chem_comp_atom                
2 4 'Structure model' chem_comp_bond                
3 4 'Structure model' database_2                    
4 4 'Structure model' pdbx_initial_refinement_model 
5 4 'Structure model' struct_ref_seq_dif            
# 
loop_
_pdbx_audit_revision_item.ordinal 
_pdbx_audit_revision_item.revision_ordinal 
_pdbx_audit_revision_item.data_content_type 
_pdbx_audit_revision_item.item 
1 4 'Structure model' '_database_2.pdbx_DOI'                
2 4 'Structure model' '_database_2.pdbx_database_accession' 
3 4 'Structure model' '_struct_ref_seq_dif.details'         
# 
_phasing.method   MR 
# 
loop_
_software.pdbx_ordinal 
_software.name 
_software.version 
_software.date 
_software.type 
_software.contact_author 
_software.contact_author_email 
_software.classification 
_software.location 
_software.language 
_software.citation_id 
1 PHASER      .       ?               program 'Randy J. Read' cimr-phaser@lists.cam.ac.uk phasing           
http://www-structmed.cimr.cam.ac.uk/phaser/ ?   ? 
2 PHENIX      1.6_289 ?               package 'Paul D. Adams' PDAdams@lbl.gov             refinement        
http://www.phenix-online.org/               C++ ? 
3 PDB_EXTRACT 3.10    'June 10, 2010' package PDB             deposit@deposit.rcsb.org    'data extraction' 
http://sw-tools.pdb.org/apps/PDB_EXTRACT/   C++ ? 
4 HKL-2000    .       ?               ?       ?               ?                           'data collection' ? ?   ? 
5 HKL-2000    .       ?               ?       ?               ?                           'data reduction'  ? ?   ? 
6 SCALEPACK   .       ?               ?       ?               ?                           'data scaling'    ? ?   ? 
# 
loop_
_pdbx_unobs_or_zero_occ_atoms.id 
_pdbx_unobs_or_zero_occ_atoms.PDB_model_num 
_pdbx_unobs_or_zero_occ_atoms.polymer_flag 
_pdbx_unobs_or_zero_occ_atoms.occupancy_flag 
_pdbx_unobs_or_zero_occ_atoms.auth_asym_id 
_pdbx_unobs_or_zero_occ_atoms.auth_comp_id 
_pdbx_unobs_or_zero_occ_atoms.auth_seq_id 
_pdbx_unobs_or_zero_occ_atoms.PDB_ins_code 
_pdbx_unobs_or_zero_occ_atoms.auth_atom_id 
_pdbx_unobs_or_zero_occ_atoms.label_alt_id 
_pdbx_unobs_or_zero_occ_atoms.label_asym_id 
_pdbx_unobs_or_zero_occ_atoms.label_comp_id 
_pdbx_unobs_or_zero_occ_atoms.label_seq_id 
_pdbx_unobs_or_zero_occ_atoms.label_atom_id 
1 1 Y 1 A HIS 339 ? CG  ? A HIS 2 CG  
2 1 Y 1 A HIS 339 ? ND1 ? A HIS 2 ND1 
3 1 Y 1 A HIS 339 ? CD2 ? A HIS 2 CD2 
4 1 Y 1 A HIS 339 ? CE1 ? A HIS 2 CE1 
5 1 Y 1 A HIS 339 ? NE2 ? A HIS 2 NE2 
# 
loop_
_chem_comp_atom.comp_id 
_chem_comp_atom.atom_id 
_chem_comp_atom.type_symbol 
_chem_comp_atom.pdbx_aromatic_flag 
_chem_comp_atom.pdbx_stereo_config 
_chem_comp_atom.pdbx_ordinal 
ALA N    N N N 1   
ALA CA   C N S 2   
ALA C    C N N 3   
ALA O    O N N 4   
ALA CB   C N N 5   
ALA OXT  O N N 6   
ALA H    H N N 7   
ALA H2   H N N 8   
ALA HA   H N N 9   
ALA HB1  H N N 10  
ALA HB2  H N N 11  
ALA HB3  H N N 12  
ALA HXT  H N N 13  
ARG N    N N N 14  
ARG CA   C N S 15  
ARG C    C N N 16  
ARG O    O N N 17  
ARG CB   C N N 18  
ARG CG   C N N 19  
ARG CD   C N N 20  
ARG NE   N N N 21  
ARG CZ   C N N 22  
ARG NH1  N N N 23  
ARG NH2  N N N 24  
ARG OXT  O N N 25  
ARG H    H N N 26  
ARG H2   H N N 27  
ARG HA   H N N 28  
ARG HB2  H N N 29  
ARG HB3  H N N 30  
ARG HG2  H N N 31  
ARG HG3  H N N 32  
ARG HD2  H N N 33  
ARG HD3  H N N 34  
ARG HE   H N N 35  
ARG HH11 H N N 36  
ARG HH12 H N N 37  
ARG HH21 H N N 38  
ARG HH22 H N N 39  
ARG HXT  H N N 40  
ASP N    N N N 41  
ASP CA   C N S 42  
ASP C    C N N 43  
ASP O    O N N 44  
ASP CB   C N N 45  
ASP CG   C N N 46  
ASP OD1  O N N 47  
ASP OD2  O N N 48  
ASP OXT  O N N 49  
ASP H    H N N 50  
ASP H2   H N N 51  
ASP HA   H N N 52  
ASP HB2  H N N 53  
ASP HB3  H N N 54  
ASP HD2  H N N 55  
ASP HXT  H N N 56  
GLN N    N N N 57  
GLN CA   C N S 58  
GLN C    C N N 59  
GLN O    O N N 60  
GLN CB   C N N 61  
GLN CG   C N N 62  
GLN CD   C N N 63  
GLN OE1  O N N 64  
GLN NE2  N N N 65  
GLN OXT  O N N 66  
GLN H    H N N 67  
GLN H2   H N N 68  
GLN HA   H N N 69  
GLN HB2  H N N 70  
GLN HB3  H N N 71  
GLN HG2  H N N 72  
GLN HG3  H N N 73  
GLN HE21 H N N 74  
GLN HE22 H N N 75  
GLN HXT  H N N 76  
GLU N    N N N 77  
GLU CA   C N S 78  
GLU C    C N N 79  
GLU O    O N N 80  
GLU CB   C N N 81  
GLU CG   C N N 82  
GLU CD   C N N 83  
GLU OE1  O N N 84  
GLU OE2  O N N 85  
GLU OXT  O N N 86  
GLU H    H N N 87  
GLU H2   H N N 88  
GLU HA   H N N 89  
GLU HB2  H N N 90  
GLU HB3  H N N 91  
GLU HG2  H N N 92  
GLU HG3  H N N 93  
GLU HE2  H N N 94  
GLU HXT  H N N 95  
GLY N    N N N 96  
GLY CA   C N N 97  
GLY C    C N N 98  
GLY O    O N N 99  
GLY OXT  O N N 100 
GLY H    H N N 101 
GLY H2   H N N 102 
GLY HA2  H N N 103 
GLY HA3  H N N 104 
GLY HXT  H N N 105 
HIS N    N N N 106 
HIS CA   C N S 107 
HIS C    C N N 108 
HIS O    O N N 109 
HIS CB   C N N 110 
HIS CG   C Y N 111 
HIS ND1  N Y N 112 
HIS CD2  C Y N 113 
HIS CE1  C Y N 114 
HIS NE2  N Y N 115 
HIS OXT  O N N 116 
HIS H    H N N 117 
HIS H2   H N N 118 
HIS HA   H N N 119 
HIS HB2  H N N 120 
HIS HB3  H N N 121 
HIS HD1  H N N 122 
HIS HD2  H N N 123 
HIS HE1  H N N 124 
HIS HE2  H N N 125 
HIS HXT  H N N 126 
HOH O    O N N 127 
HOH H1   H N N 128 
HOH H2   H N N 129 
ILE N    N N N 130 
ILE CA   C N S 131 
ILE C    C N N 132 
ILE O    O N N 133 
ILE CB   C N S 134 
ILE CG1  C N N 135 
ILE CG2  C N N 136 
ILE CD1  C N N 137 
ILE OXT  O N N 138 
ILE H    H N N 139 
ILE H2   H N N 140 
ILE HA   H N N 141 
ILE HB   H N N 142 
ILE HG12 H N N 143 
ILE HG13 H N N 144 
ILE HG21 H N N 145 
ILE HG22 H N N 146 
ILE HG23 H N N 147 
ILE HD11 H N N 148 
ILE HD12 H N N 149 
ILE HD13 H N N 150 
ILE HXT  H N N 151 
LEU N    N N N 152 
LEU CA   C N S 153 
LEU C    C N N 154 
LEU O    O N N 155 
LEU CB   C N N 156 
LEU CG   C N N 157 
LEU CD1  C N N 158 
LEU CD2  C N N 159 
LEU OXT  O N N 160 
LEU H    H N N 161 
LEU H2   H N N 162 
LEU HA   H N N 163 
LEU HB2  H N N 164 
LEU HB3  H N N 165 
LEU HG   H N N 166 
LEU HD11 H N N 167 
LEU HD12 H N N 168 
LEU HD13 H N N 169 
LEU HD21 H N N 170 
LEU HD22 H N N 171 
LEU HD23 H N N 172 
LEU HXT  H N N 173 
LYS N    N N N 174 
LYS CA   C N S 175 
LYS C    C N N 176 
LYS O    O N N 177 
LYS CB   C N N 178 
LYS CG   C N N 179 
LYS CD   C N N 180 
LYS CE   C N N 181 
LYS NZ   N N N 182 
LYS OXT  O N N 183 
LYS H    H N N 184 
LYS H2   H N N 185 
LYS HA   H N N 186 
LYS HB2  H N N 187 
LYS HB3  H N N 188 
LYS HG2  H N N 189 
LYS HG3  H N N 190 
LYS HD2  H N N 191 
LYS HD3  H N N 192 
LYS HE2  H N N 193 
LYS HE3  H N N 194 
LYS HZ1  H N N 195 
LYS HZ2  H N N 196 
LYS HZ3  H N N 197 
LYS HXT  H N N 198 
MET N    N N N 199 
MET CA   C N S 200 
MET C    C N N 201 
MET O    O N N 202 
MET CB   C N N 203 
MET CG   C N N 204 
MET SD   S N N 205 
MET CE   C N N 206 
MET OXT  O N N 207 
MET H    H N N 208 
MET H2   H N N 209 
MET HA   H N N 210 
MET HB2  H N N 211 
MET HB3  H N N 212 
MET HG2  H N N 213 
MET HG3  H N N 214 
MET HE1  H N N 215 
MET HE2  H N N 216 
MET HE3  H N N 217 
MET HXT  H N N 218 
PHE N    N N N 219 
PHE CA   C N S 220 
PHE C    C N N 221 
PHE O    O N N 222 
PHE CB   C N N 223 
PHE CG   C Y N 224 
PHE CD1  C Y N 225 
PHE CD2  C Y N 226 
PHE CE1  C Y N 227 
PHE CE2  C Y N 228 
PHE CZ   C Y N 229 
PHE OXT  O N N 230 
PHE H    H N N 231 
PHE H2   H N N 232 
PHE HA   H N N 233 
PHE HB2  H N N 234 
PHE HB3  H N N 235 
PHE HD1  H N N 236 
PHE HD2  H N N 237 
PHE HE1  H N N 238 
PHE HE2  H N N 239 
PHE HZ   H N N 240 
PHE HXT  H N N 241 
PRO N    N N N 242 
PRO CA   C N S 243 
PRO C    C N N 244 
PRO O    O N N 245 
PRO CB   C N N 246 
PRO CG   C N N 247 
PRO CD   C N N 248 
PRO OXT  O N N 249 
PRO H    H N N 250 
PRO HA   H N N 251 
PRO HB2  H N N 252 
PRO HB3  H N N 253 
PRO HG2  H N N 254 
PRO HG3  H N N 255 
PRO HD2  H N N 256 
PRO HD3  H N N 257 
PRO HXT  H N N 258 
SER N    N N N 259 
SER CA   C N S 260 
SER C    C N N 261 
SER O    O N N 262 
SER CB   C N N 263 
SER OG   O N N 264 
SER OXT  O N N 265 
SER H    H N N 266 
SER H2   H N N 267 
SER HA   H N N 268 
SER HB2  H N N 269 
SER HB3  H N N 270 
SER HG   H N N 271 
SER HXT  H N N 272 
THR N    N N N 273 
THR CA   C N S 274 
THR C    C N N 275 
THR O    O N N 276 
THR CB   C N R 277 
THR OG1  O N N 278 
THR CG2  C N N 279 
THR OXT  O N N 280 
THR H    H N N 281 
THR H2   H N N 282 
THR HA   H N N 283 
THR HB   H N N 284 
THR HG1  H N N 285 
THR HG21 H N N 286 
THR HG22 H N N 287 
THR HG23 H N N 288 
THR HXT  H N N 289 
TRP N    N N N 290 
TRP CA   C N S 291 
TRP C    C N N 292 
TRP O    O N N 293 
TRP CB   C N N 294 
TRP CG   C Y N 295 
TRP CD1  C Y N 296 
TRP CD2  C Y N 297 
TRP NE1  N Y N 298 
TRP CE2  C Y N 299 
TRP CE3  C Y N 300 
TRP CZ2  C Y N 301 
TRP CZ3  C Y N 302 
TRP CH2  C Y N 303 
TRP OXT  O N N 304 
TRP H    H N N 305 
TRP H2   H N N 306 
TRP HA   H N N 307 
TRP HB2  H N N 308 
TRP HB3  H N N 309 
TRP HD1  H N N 310 
TRP HE1  H N N 311 
TRP HE3  H N N 312 
TRP HZ2  H N N 313 
TRP HZ3  H N N 314 
TRP HH2  H N N 315 
TRP HXT  H N N 316 
TYR N    N N N 317 
TYR CA   C N S 318 
TYR C    C N N 319 
TYR O    O N N 320 
TYR CB   C N N 321 
TYR CG   C Y N 322 
TYR CD1  C Y N 323 
TYR CD2  C Y N 324 
TYR CE1  C Y N 325 
TYR CE2  C Y N 326 
TYR CZ   C Y N 327 
TYR OH   O N N 328 
TYR OXT  O N N 329 
TYR H    H N N 330 
TYR H2   H N N 331 
TYR HA   H N N 332 
TYR HB2  H N N 333 
TYR HB3  H N N 334 
TYR HD1  H N N 335 
TYR HD2  H N N 336 
TYR HE1  H N N 337 
TYR HE2  H N N 338 
TYR HH   H N N 339 
TYR HXT  H N N 340 
VAL N    N N N 341 
VAL CA   C N S 342 
VAL C    C N N 343 
VAL O    O N N 344 
VAL CB   C N N 345 
VAL CG1  C N N 346 
VAL CG2  C N N 347 
VAL OXT  O N N 348 
VAL H    H N N 349 
VAL H2   H N N 350 
VAL HA   H N N 351 
VAL HB   H N N 352 
VAL HG11 H N N 353 
VAL HG12 H N N 354 
VAL HG13 H N N 355 
VAL HG21 H N N 356 
VAL HG22 H N N 357 
VAL HG23 H N N 358 
VAL HXT  H N N 359 
# 
loop_
_chem_comp_bond.comp_id 
_chem_comp_bond.atom_id_1 
_chem_comp_bond.atom_id_2 
_chem_comp_bond.value_order 
_chem_comp_bond.pdbx_aromatic_flag 
_chem_comp_bond.pdbx_stereo_config 
_chem_comp_bond.pdbx_ordinal 
ALA N   CA   sing N N 1   
ALA N   H    sing N N 2   
ALA N   H2   sing N N 3   
ALA CA  C    sing N N 4   
ALA CA  CB   sing N N 5   
ALA CA  HA   sing N N 6   
ALA C   O    doub N N 7   
ALA C   OXT  sing N N 8   
ALA CB  HB1  sing N N 9   
ALA CB  HB2  sing N N 10  
ALA CB  HB3  sing N N 11  
ALA OXT HXT  sing N N 12  
ARG N   CA   sing N N 13  
ARG N   H    sing N N 14  
ARG N   H2   sing N N 15  
ARG CA  C    sing N N 16  
ARG CA  CB   sing N N 17  
ARG CA  HA   sing N N 18  
ARG C   O    doub N N 19  
ARG C   OXT  sing N N 20  
ARG CB  CG   sing N N 21  
ARG CB  HB2  sing N N 22  
ARG CB  HB3  sing N N 23  
ARG CG  CD   sing N N 24  
ARG CG  HG2  sing N N 25  
ARG CG  HG3  sing N N 26  
ARG CD  NE   sing N N 27  
ARG CD  HD2  sing N N 28  
ARG CD  HD3  sing N N 29  
ARG NE  CZ   sing N N 30  
ARG NE  HE   sing N N 31  
ARG CZ  NH1  sing N N 32  
ARG CZ  NH2  doub N N 33  
ARG NH1 HH11 sing N N 34  
ARG NH1 HH12 sing N N 35  
ARG NH2 HH21 sing N N 36  
ARG NH2 HH22 sing N N 37  
ARG OXT HXT  sing N N 38  
ASP N   CA   sing N N 39  
ASP N   H    sing N N 40  
ASP N   H2   sing N N 41  
ASP CA  C    sing N N 42  
ASP CA  CB   sing N N 43  
ASP CA  HA   sing N N 44  
ASP C   O    doub N N 45  
ASP C   OXT  sing N N 46  
ASP CB  CG   sing N N 47  
ASP CB  HB2  sing N N 48  
ASP CB  HB3  sing N N 49  
ASP CG  OD1  doub N N 50  
ASP CG  OD2  sing N N 51  
ASP OD2 HD2  sing N N 52  
ASP OXT HXT  sing N N 53  
GLN N   CA   sing N N 54  
GLN N   H    sing N N 55  
GLN N   H2   sing N N 56  
GLN CA  C    sing N N 57  
GLN CA  CB   sing N N 58  
GLN CA  HA   sing N N 59  
GLN C   O    doub N N 60  
GLN C   OXT  sing N N 61  
GLN CB  CG   sing N N 62  
GLN CB  HB2  sing N N 63  
GLN CB  HB3  sing N N 64  
GLN CG  CD   sing N N 65  
GLN CG  HG2  sing N N 66  
GLN CG  HG3  sing N N 67  
GLN CD  OE1  doub N N 68  
GLN CD  NE2  sing N N 69  
GLN NE2 HE21 sing N N 70  
GLN NE2 HE22 sing N N 71  
GLN OXT HXT  sing N N 72  
GLU N   CA   sing N N 73  
GLU N   H    sing N N 74  
GLU N   H2   sing N N 75  
GLU CA  C    sing N N 76  
GLU CA  CB   sing N N 77  
GLU CA  HA   sing N N 78  
GLU C   O    doub N N 79  
GLU C   OXT  sing N N 80  
GLU CB  CG   sing N N 81  
GLU CB  HB2  sing N N 82  
GLU CB  HB3  sing N N 83  
GLU CG  CD   sing N N 84  
GLU CG  HG2  sing N N 85  
GLU CG  HG3  sing N N 86  
GLU CD  OE1  doub N N 87  
GLU CD  OE2  sing N N 88  
GLU OE2 HE2  sing N N 89  
GLU OXT HXT  sing N N 90  
GLY N   CA   sing N N 91  
GLY N   H    sing N N 92  
GLY N   H2   sing N N 93  
GLY CA  C    sing N N 94  
GLY CA  HA2  sing N N 95  
GLY CA  HA3  sing N N 96  
GLY C   O    doub N N 97  
GLY C   OXT  sing N N 98  
GLY OXT HXT  sing N N 99  
HIS N   CA   sing N N 100 
HIS N   H    sing N N 101 
HIS N   H2   sing N N 102 
HIS CA  C    sing N N 103 
HIS CA  CB   sing N N 104 
HIS CA  HA   sing N N 105 
HIS C   O    doub N N 106 
HIS C   OXT  sing N N 107 
HIS CB  CG   sing N N 108 
HIS CB  HB2  sing N N 109 
HIS CB  HB3  sing N N 110 
HIS CG  ND1  sing Y N 111 
HIS CG  CD2  doub Y N 112 
HIS ND1 CE1  doub Y N 113 
HIS ND1 HD1  sing N N 114 
HIS CD2 NE2  sing Y N 115 
HIS CD2 HD2  sing N N 116 
HIS CE1 NE2  sing Y N 117 
HIS CE1 HE1  sing N N 118 
HIS NE2 HE2  sing N N 119 
HIS OXT HXT  sing N N 120 
HOH O   H1   sing N N 121 
HOH O   H2   sing N N 122 
ILE N   CA   sing N N 123 
ILE N   H    sing N N 124 
ILE N   H2   sing N N 125 
ILE CA  C    sing N N 126 
ILE CA  CB   sing N N 127 
ILE CA  HA   sing N N 128 
ILE C   O    doub N N 129 
ILE C   OXT  sing N N 130 
ILE CB  CG1  sing N N 131 
ILE CB  CG2  sing N N 132 
ILE CB  HB   sing N N 133 
ILE CG1 CD1  sing N N 134 
ILE CG1 HG12 sing N N 135 
ILE CG1 HG13 sing N N 136 
ILE CG2 HG21 sing N N 137 
ILE CG2 HG22 sing N N 138 
ILE CG2 HG23 sing N N 139 
ILE CD1 HD11 sing N N 140 
ILE CD1 HD12 sing N N 141 
ILE CD1 HD13 sing N N 142 
ILE OXT HXT  sing N N 143 
LEU N   CA   sing N N 144 
LEU N   H    sing N N 145 
LEU N   H2   sing N N 146 
LEU CA  C    sing N N 147 
LEU CA  CB   sing N N 148 
LEU CA  HA   sing N N 149 
LEU C   O    doub N N 150 
LEU C   OXT  sing N N 151 
LEU CB  CG   sing N N 152 
LEU CB  HB2  sing N N 153 
LEU CB  HB3  sing N N 154 
LEU CG  CD1  sing N N 155 
LEU CG  CD2  sing N N 156 
LEU CG  HG   sing N N 157 
LEU CD1 HD11 sing N N 158 
LEU CD1 HD12 sing N N 159 
LEU CD1 HD13 sing N N 160 
LEU CD2 HD21 sing N N 161 
LEU CD2 HD22 sing N N 162 
LEU CD2 HD23 sing N N 163 
LEU OXT HXT  sing N N 164 
LYS N   CA   sing N N 165 
LYS N   H    sing N N 166 
LYS N   H2   sing N N 167 
LYS CA  C    sing N N 168 
LYS CA  CB   sing N N 169 
LYS CA  HA   sing N N 170 
LYS C   O    doub N N 171 
LYS C   OXT  sing N N 172 
LYS CB  CG   sing N N 173 
LYS CB  HB2  sing N N 174 
LYS CB  HB3  sing N N 175 
LYS CG  CD   sing N N 176 
LYS CG  HG2  sing N N 177 
LYS CG  HG3  sing N N 178 
LYS CD  CE   sing N N 179 
LYS CD  HD2  sing N N 180 
LYS CD  HD3  sing N N 181 
LYS CE  NZ   sing N N 182 
LYS CE  HE2  sing N N 183 
LYS CE  HE3  sing N N 184 
LYS NZ  HZ1  sing N N 185 
LYS NZ  HZ2  sing N N 186 
LYS NZ  HZ3  sing N N 187 
LYS OXT HXT  sing N N 188 
MET N   CA   sing N N 189 
MET N   H    sing N N 190 
MET N   H2   sing N N 191 
MET CA  C    sing N N 192 
MET CA  CB   sing N N 193 
MET CA  HA   sing N N 194 
MET C   O    doub N N 195 
MET C   OXT  sing N N 196 
MET CB  CG   sing N N 197 
MET CB  HB2  sing N N 198 
MET CB  HB3  sing N N 199 
MET CG  SD   sing N N 200 
MET CG  HG2  sing N N 201 
MET CG  HG3  sing N N 202 
MET SD  CE   sing N N 203 
MET CE  HE1  sing N N 204 
MET CE  HE2  sing N N 205 
MET CE  HE3  sing N N 206 
MET OXT HXT  sing N N 207 
PHE N   CA   sing N N 208 
PHE N   H    sing N N 209 
PHE N   H2   sing N N 210 
PHE CA  C    sing N N 211 
PHE CA  CB   sing N N 212 
PHE CA  HA   sing N N 213 
PHE C   O    doub N N 214 
PHE C   OXT  sing N N 215 
PHE CB  CG   sing N N 216 
PHE CB  HB2  sing N N 217 
PHE CB  HB3  sing N N 218 
PHE CG  CD1  doub Y N 219 
PHE CG  CD2  sing Y N 220 
PHE CD1 CE1  sing Y N 221 
PHE CD1 HD1  sing N N 222 
PHE CD2 CE2  doub Y N 223 
PHE CD2 HD2  sing N N 224 
PHE CE1 CZ   doub Y N 225 
PHE CE1 HE1  sing N N 226 
PHE CE2 CZ   sing Y N 227 
PHE CE2 HE2  sing N N 228 
PHE CZ  HZ   sing N N 229 
PHE OXT HXT  sing N N 230 
PRO N   CA   sing N N 231 
PRO N   CD   sing N N 232 
PRO N   H    sing N N 233 
PRO CA  C    sing N N 234 
PRO CA  CB   sing N N 235 
PRO CA  HA   sing N N 236 
PRO C   O    doub N N 237 
PRO C   OXT  sing N N 238 
PRO CB  CG   sing N N 239 
PRO CB  HB2  sing N N 240 
PRO CB  HB3  sing N N 241 
PRO CG  CD   sing N N 242 
PRO CG  HG2  sing N N 243 
PRO CG  HG3  sing N N 244 
PRO CD  HD2  sing N N 245 
PRO CD  HD3  sing N N 246 
PRO OXT HXT  sing N N 247 
SER N   CA   sing N N 248 
SER N   H    sing N N 249 
SER N   H2   sing N N 250 
SER CA  C    sing N N 251 
SER CA  CB   sing N N 252 
SER CA  HA   sing N N 253 
SER C   O    doub N N 254 
SER C   OXT  sing N N 255 
SER CB  OG   sing N N 256 
SER CB  HB2  sing N N 257 
SER CB  HB3  sing N N 258 
SER OG  HG   sing N N 259 
SER OXT HXT  sing N N 260 
THR N   CA   sing N N 261 
THR N   H    sing N N 262 
THR N   H2   sing N N 263 
THR CA  C    sing N N 264 
THR CA  CB   sing N N 265 
THR CA  HA   sing N N 266 
THR C   O    doub N N 267 
THR C   OXT  sing N N 268 
THR CB  OG1  sing N N 269 
THR CB  CG2  sing N N 270 
THR CB  HB   sing N N 271 
THR OG1 HG1  sing N N 272 
THR CG2 HG21 sing N N 273 
THR CG2 HG22 sing N N 274 
THR CG2 HG23 sing N N 275 
THR OXT HXT  sing N N 276 
TRP N   CA   sing N N 277 
TRP N   H    sing N N 278 
TRP N   H2   sing N N 279 
TRP CA  C    sing N N 280 
TRP CA  CB   sing N N 281 
TRP CA  HA   sing N N 282 
TRP C   O    doub N N 283 
TRP C   OXT  sing N N 284 
TRP CB  CG   sing N N 285 
TRP CB  HB2  sing N N 286 
TRP CB  HB3  sing N N 287 
TRP CG  CD1  doub Y N 288 
TRP CG  CD2  sing Y N 289 
TRP CD1 NE1  sing Y N 290 
TRP CD1 HD1  sing N N 291 
TRP CD2 CE2  doub Y N 292 
TRP CD2 CE3  sing Y N 293 
TRP NE1 CE2  sing Y N 294 
TRP NE1 HE1  sing N N 295 
TRP CE2 CZ2  sing Y N 296 
TRP CE3 CZ3  doub Y N 297 
TRP CE3 HE3  sing N N 298 
TRP CZ2 CH2  doub Y N 299 
TRP CZ2 HZ2  sing N N 300 
TRP CZ3 CH2  sing Y N 301 
TRP CZ3 HZ3  sing N N 302 
TRP CH2 HH2  sing N N 303 
TRP OXT HXT  sing N N 304 
TYR N   CA   sing N N 305 
TYR N   H    sing N N 306 
TYR N   H2   sing N N 307 
TYR CA  C    sing N N 308 
TYR CA  CB   sing N N 309 
TYR CA  HA   sing N N 310 
TYR C   O    doub N N 311 
TYR C   OXT  sing N N 312 
TYR CB  CG   sing N N 313 
TYR CB  HB2  sing N N 314 
TYR CB  HB3  sing N N 315 
TYR CG  CD1  doub Y N 316 
TYR CG  CD2  sing Y N 317 
TYR CD1 CE1  sing Y N 318 
TYR CD1 HD1  sing N N 319 
TYR CD2 CE2  doub Y N 320 
TYR CD2 HD2  sing N N 321 
TYR CE1 CZ   doub Y N 322 
TYR CE1 HE1  sing N N 323 
TYR CE2 CZ   sing Y N 324 
TYR CE2 HE2  sing N N 325 
TYR CZ  OH   sing N N 326 
TYR OH  HH   sing N N 327 
TYR OXT HXT  sing N N 328 
VAL N   CA   sing N N 329 
VAL N   H    sing N N 330 
VAL N   H2   sing N N 331 
VAL CA  C    sing N N 332 
VAL CA  CB   sing N N 333 
VAL CA  HA   sing N N 334 
VAL C   O    doub N N 335 
VAL C   OXT  sing N N 336 
VAL CB  CG1  sing N N 337 
VAL CB  CG2  sing N N 338 
VAL CB  HB   sing N N 339 
VAL CG1 HG11 sing N N 340 
VAL CG1 HG12 sing N N 341 
VAL CG1 HG13 sing N N 342 
VAL CG2 HG21 sing N N 343 
VAL CG2 HG22 sing N N 344 
VAL CG2 HG23 sing N N 345 
VAL OXT HXT  sing N N 346 
# 
_pdbx_entity_nonpoly.entity_id   2 
_pdbx_entity_nonpoly.name        water 
_pdbx_entity_nonpoly.comp_id     HOH 
# 
_pdbx_initial_refinement_model.id               1 
_pdbx_initial_refinement_model.entity_id_list   ? 
_pdbx_initial_refinement_model.type             'experimental model' 
_pdbx_initial_refinement_model.source_name      PDB 
_pdbx_initial_refinement_model.accession_code   3GOE 
_pdbx_initial_refinement_model.details          'PDB entry 3GOE' 
# 
